data_6R8A
#
_entry.id   6R8A
#
_cell.length_a   95.480
_cell.length_b   96.800
_cell.length_c   114.790
_cell.angle_alpha   90.000
_cell.angle_beta   90.000
_cell.angle_gamma   90.000
#
_symmetry.space_group_name_H-M   'P 21 21 21'
#
loop_
_entity.id
_entity.type
_entity.pdbx_description
1 polymer 'Glutamate receptor 3.3,Glutamate receptor 3.3'
2 non-polymer METHIONINE
3 non-polymer 'SODIUM ION'
4 non-polymer 'SULFATE ION'
5 water water
#
_entity_poly.entity_id   1
_entity_poly.type   'polypeptide(L)'
_entity_poly.pdbx_seq_one_letter_code
;GPMGKELKIGVPLRVSYKEFVSQIRGTENMFKGFCIDVFTAAVNLLPYAVPVKFIPYGNGKENPSYTHMVEMITTGNFDG
VVGDVAIVTNRTKIVDFTQPYAASGLVVVAPGGTPIKGIESLRERDDPIGYQVGSFAESYLRNELNISESRLVPLGTPEA
YAKALKDGPSKGGVAAIVDERPYVELFLSSNCAYRIVGQEFTKSGWGFAFPRDSPLAIDLSTAILELAENGDLQRIHDKW
LMKNACT
;
_entity_poly.pdbx_strand_id   A,B,C,D
#
loop_
_chem_comp.id
_chem_comp.type
_chem_comp.name
_chem_comp.formula
NA non-polymer 'SODIUM ION' 'Na 1'
SO4 non-polymer 'SULFATE ION' 'O4 S -2'
#
# COMPACT_ATOMS: atom_id res chain seq x y z
N GLU A 6 8.97 -11.41 21.22
CA GLU A 6 9.54 -10.93 19.91
C GLU A 6 10.00 -9.48 20.05
N LEU A 7 10.80 -9.01 19.09
CA LEU A 7 11.22 -7.58 18.95
C LEU A 7 10.33 -6.88 17.93
N LYS A 8 9.75 -5.76 18.32
CA LYS A 8 9.15 -4.77 17.38
C LYS A 8 10.30 -4.01 16.71
N ILE A 9 10.63 -4.34 15.46
CA ILE A 9 11.70 -3.68 14.66
C ILE A 9 11.04 -2.75 13.66
N GLY A 10 11.30 -1.43 13.80
CA GLY A 10 10.87 -0.38 12.87
C GLY A 10 11.51 -0.55 11.52
N VAL A 11 10.73 -0.42 10.45
CA VAL A 11 11.25 -0.49 9.04
C VAL A 11 10.73 0.72 8.27
N PRO A 12 11.60 1.48 7.60
CA PRO A 12 11.17 2.65 6.85
C PRO A 12 10.27 2.24 5.68
N LEU A 13 9.17 2.95 5.50
CA LEU A 13 8.17 2.75 4.41
C LEU A 13 8.50 3.65 3.21
N ARG A 14 9.56 3.26 2.48
CA ARG A 14 10.16 3.98 1.31
C ARG A 14 9.17 4.01 0.14
N VAL A 15 9.01 5.16 -0.49
CA VAL A 15 8.14 5.38 -1.69
C VAL A 15 9.00 5.42 -2.97
N SER A 16 10.33 5.52 -2.84
CA SER A 16 11.31 5.43 -3.97
C SER A 16 12.46 4.49 -3.59
N TYR A 17 13.33 4.14 -4.54
CA TYR A 17 14.55 3.31 -4.34
C TYR A 17 14.23 2.13 -3.41
N LYS A 18 13.24 1.35 -3.82
CA LYS A 18 12.65 0.24 -3.04
C LYS A 18 13.59 -0.98 -3.03
N GLU A 19 14.66 -0.96 -3.84
CA GLU A 19 15.65 -2.05 -3.93
C GLU A 19 16.34 -2.24 -2.57
N PHE A 20 16.38 -1.20 -1.74
CA PHE A 20 17.03 -1.19 -0.41
C PHE A 20 16.08 -1.75 0.64
N VAL A 21 14.89 -1.15 0.75
CA VAL A 21 13.81 -1.58 1.67
C VAL A 21 12.47 -1.17 1.05
N SER A 22 11.51 -2.10 1.06
CA SER A 22 10.12 -1.92 0.58
C SER A 22 9.18 -2.91 1.29
N GLN A 23 8.01 -2.40 1.71
CA GLN A 23 6.89 -3.23 2.21
C GLN A 23 6.39 -4.10 1.05
N ILE A 24 6.05 -5.37 1.29
CA ILE A 24 5.37 -6.25 0.29
C ILE A 24 3.94 -5.73 0.09
N ARG A 25 3.46 -5.66 -1.15
CA ARG A 25 2.09 -5.13 -1.44
C ARG A 25 1.06 -6.07 -0.82
N GLY A 26 0.09 -5.52 -0.08
CA GLY A 26 -1.04 -6.24 0.53
C GLY A 26 -0.70 -6.85 1.88
N THR A 27 0.42 -6.42 2.46
CA THR A 27 0.90 -6.80 3.83
C THR A 27 1.21 -5.51 4.59
N GLU A 28 1.43 -5.61 5.90
CA GLU A 28 1.97 -4.47 6.68
C GLU A 28 3.22 -4.88 7.42
N ASN A 29 3.45 -6.17 7.69
CA ASN A 29 4.58 -6.65 8.52
C ASN A 29 5.61 -7.42 7.67
N MET A 30 5.47 -7.41 6.35
CA MET A 30 6.33 -8.19 5.43
C MET A 30 7.07 -7.20 4.52
N PHE A 31 8.38 -7.34 4.43
CA PHE A 31 9.30 -6.42 3.72
C PHE A 31 10.33 -7.23 2.95
N LYS A 32 10.83 -6.64 1.86
CA LYS A 32 11.94 -7.18 1.04
C LYS A 32 12.91 -6.03 0.74
N GLY A 33 14.11 -6.39 0.28
CA GLY A 33 15.13 -5.41 -0.14
C GLY A 33 16.52 -5.77 0.35
N PHE A 34 17.52 -5.05 -0.16
CA PHE A 34 18.96 -5.26 0.14
C PHE A 34 19.18 -5.32 1.66
N CYS A 35 18.60 -4.35 2.36
CA CYS A 35 18.81 -4.10 3.80
C CYS A 35 18.18 -5.23 4.63
N ILE A 36 16.97 -5.66 4.25
CA ILE A 36 16.25 -6.77 4.94
C ILE A 36 17.15 -8.00 4.84
N ASP A 37 17.56 -8.35 3.61
CA ASP A 37 18.32 -9.58 3.29
C ASP A 37 19.62 -9.60 4.09
N VAL A 38 20.32 -8.47 4.14
CA VAL A 38 21.55 -8.32 4.98
C VAL A 38 21.18 -8.66 6.42
N PHE A 39 20.16 -7.99 6.95
CA PHE A 39 19.74 -8.13 8.37
C PHE A 39 19.37 -9.58 8.68
N THR A 40 18.63 -10.24 7.79
CA THR A 40 18.21 -11.66 7.94
C THR A 40 19.47 -12.53 8.03
N ALA A 41 20.29 -12.49 6.98
CA ALA A 41 21.58 -13.21 6.87
C ALA A 41 22.35 -13.03 8.18
N ALA A 42 22.45 -11.78 8.66
CA ALA A 42 23.22 -11.37 9.85
C ALA A 42 22.70 -12.10 11.09
N VAL A 43 21.38 -12.10 11.29
CA VAL A 43 20.72 -12.73 12.47
C VAL A 43 20.99 -14.24 12.43
N ASN A 44 21.09 -14.84 11.24
CA ASN A 44 21.23 -16.31 11.05
C ASN A 44 22.59 -16.76 11.62
N LEU A 45 23.62 -15.92 11.48
CA LEU A 45 25.00 -16.23 11.93
C LEU A 45 25.07 -16.12 13.46
N LEU A 46 24.07 -15.50 14.11
CA LEU A 46 24.05 -15.39 15.59
C LEU A 46 23.90 -16.78 16.21
N PRO A 47 24.50 -16.98 17.41
CA PRO A 47 24.42 -18.27 18.10
C PRO A 47 23.03 -18.54 18.72
N TYR A 48 22.21 -17.51 18.91
CA TYR A 48 20.86 -17.61 19.53
C TYR A 48 19.80 -17.16 18.52
N ALA A 49 18.53 -17.35 18.88
CA ALA A 49 17.36 -16.99 18.05
C ALA A 49 16.95 -15.55 18.38
N VAL A 50 16.56 -14.79 17.36
CA VAL A 50 16.09 -13.37 17.48
C VAL A 50 14.75 -13.25 16.76
N PRO A 51 13.61 -13.49 17.44
CA PRO A 51 12.29 -13.29 16.83
C PRO A 51 12.01 -11.81 16.60
N VAL A 52 11.64 -11.43 15.37
CA VAL A 52 11.34 -10.02 15.00
C VAL A 52 9.92 -9.89 14.44
N LYS A 53 9.29 -8.76 14.69
CA LYS A 53 8.08 -8.27 13.96
C LYS A 53 8.48 -6.93 13.33
N PHE A 54 8.63 -6.92 12.01
CA PHE A 54 8.82 -5.66 11.26
C PHE A 54 7.56 -4.82 11.41
N ILE A 55 7.72 -3.56 11.80
CA ILE A 55 6.63 -2.55 11.86
C ILE A 55 6.95 -1.44 10.84
N PRO A 56 6.03 -1.10 9.93
CA PRO A 56 6.29 -0.03 8.98
C PRO A 56 6.32 1.28 9.76
N TYR A 57 7.30 2.14 9.47
CA TYR A 57 7.27 3.58 9.85
C TYR A 57 7.14 4.40 8.56
N GLY A 58 6.12 5.24 8.50
CA GLY A 58 5.83 6.13 7.36
C GLY A 58 4.37 6.05 6.97
N ASN A 59 3.87 7.11 6.31
CA ASN A 59 2.46 7.31 5.91
C ASN A 59 2.21 6.68 4.53
N GLY A 60 3.25 6.18 3.86
CA GLY A 60 3.12 5.49 2.57
C GLY A 60 3.05 6.46 1.39
N LYS A 61 2.86 7.75 1.64
CA LYS A 61 2.83 8.79 0.59
C LYS A 61 4.25 9.30 0.32
N GLU A 62 4.96 9.75 1.37
CA GLU A 62 6.37 10.24 1.26
C GLU A 62 7.29 9.41 2.14
N ASN A 63 8.58 9.35 1.78
CA ASN A 63 9.64 8.75 2.61
C ASN A 63 9.56 9.41 3.98
N PRO A 64 9.60 8.62 5.09
CA PRO A 64 9.53 9.20 6.44
C PRO A 64 10.83 9.92 6.83
N SER A 65 10.79 10.75 7.88
CA SER A 65 11.99 11.29 8.55
C SER A 65 12.70 10.14 9.29
N TYR A 66 13.89 9.75 8.82
CA TYR A 66 14.66 8.63 9.39
C TYR A 66 15.09 8.99 10.83
N THR A 67 15.28 10.27 11.13
CA THR A 67 15.68 10.73 12.49
C THR A 67 14.53 10.49 13.46
N HIS A 68 13.30 10.87 13.11
CA HIS A 68 12.09 10.63 13.93
C HIS A 68 11.88 9.11 14.11
N MET A 69 12.02 8.35 13.02
CA MET A 69 11.92 6.87 13.03
C MET A 69 12.83 6.33 14.13
N VAL A 70 14.09 6.78 14.16
CA VAL A 70 15.11 6.36 15.15
C VAL A 70 14.63 6.75 16.56
N GLU A 71 14.07 7.95 16.73
CA GLU A 71 13.61 8.48 18.04
C GLU A 71 12.61 7.51 18.66
N MET A 72 11.83 6.80 17.85
CA MET A 72 10.80 5.82 18.32
C MET A 72 11.43 4.71 19.16
N ILE A 73 12.71 4.40 18.93
CA ILE A 73 13.51 3.44 19.74
C ILE A 73 13.56 4.00 21.17
N THR A 74 13.90 5.28 21.31
CA THR A 74 14.16 5.97 22.60
C THR A 74 12.85 6.12 23.38
N THR A 75 11.71 6.32 22.69
CA THR A 75 10.35 6.40 23.30
C THR A 75 9.84 4.99 23.62
N GLY A 76 10.61 3.94 23.30
CA GLY A 76 10.28 2.54 23.62
C GLY A 76 9.20 1.97 22.71
N ASN A 77 8.91 2.63 21.57
CA ASN A 77 7.90 2.17 20.56
C ASN A 77 8.51 1.07 19.69
N PHE A 78 9.81 1.16 19.37
CA PHE A 78 10.57 0.11 18.65
C PHE A 78 11.69 -0.41 19.54
N ASP A 79 11.93 -1.73 19.49
CA ASP A 79 13.07 -2.40 20.15
C ASP A 79 14.33 -2.22 19.28
N GLY A 80 14.14 -1.78 18.03
CA GLY A 80 15.23 -1.46 17.08
C GLY A 80 14.68 -0.93 15.77
N VAL A 81 15.57 -0.51 14.86
CA VAL A 81 15.24 -0.10 13.47
C VAL A 81 16.22 -0.77 12.49
N VAL A 82 15.67 -1.40 11.46
CA VAL A 82 16.39 -1.98 10.30
C VAL A 82 15.93 -1.24 9.05
N GLY A 83 16.89 -0.76 8.24
CA GLY A 83 16.65 -0.10 6.95
C GLY A 83 17.93 0.55 6.45
N ASP A 84 17.78 1.47 5.49
CA ASP A 84 18.88 2.24 4.87
C ASP A 84 19.17 3.50 5.71
N VAL A 85 19.62 3.31 6.95
CA VAL A 85 19.71 4.36 8.00
C VAL A 85 21.16 4.80 8.12
N ALA A 86 21.43 6.08 7.79
CA ALA A 86 22.75 6.71 7.94
C ALA A 86 23.09 6.76 9.43
N ILE A 87 24.26 6.28 9.81
CA ILE A 87 24.85 6.43 11.17
C ILE A 87 25.44 7.84 11.24
N VAL A 88 24.68 8.81 11.74
CA VAL A 88 25.13 10.23 11.81
C VAL A 88 25.11 10.66 13.28
N THR A 89 25.80 11.75 13.59
CA THR A 89 26.26 12.12 14.95
C THR A 89 25.06 12.35 15.87
N ASN A 90 24.07 13.14 15.44
CA ASN A 90 22.88 13.48 16.26
C ASN A 90 22.06 12.22 16.54
N ARG A 91 22.05 11.24 15.63
CA ARG A 91 21.36 9.94 15.82
C ARG A 91 22.15 9.07 16.82
N THR A 92 23.49 8.97 16.68
CA THR A 92 24.38 8.16 17.57
C THR A 92 24.29 8.68 19.01
N LYS A 93 23.99 9.98 19.18
CA LYS A 93 23.84 10.63 20.51
C LYS A 93 22.77 9.88 21.33
N ILE A 94 21.71 9.36 20.69
CA ILE A 94 20.45 8.92 21.38
C ILE A 94 20.27 7.39 21.33
N VAL A 95 20.92 6.69 20.40
CA VAL A 95 20.80 5.21 20.22
C VAL A 95 22.19 4.62 19.94
N ASP A 96 22.26 3.29 19.84
CA ASP A 96 23.47 2.53 19.42
C ASP A 96 23.22 1.87 18.05
N PHE A 97 23.93 2.33 17.02
CA PHE A 97 23.98 1.67 15.70
C PHE A 97 24.95 0.50 15.74
N THR A 98 24.73 -0.47 14.87
CA THR A 98 25.73 -1.51 14.55
C THR A 98 26.85 -0.82 13.77
N GLN A 99 27.88 -1.58 13.42
CA GLN A 99 28.89 -1.06 12.47
C GLN A 99 28.22 -0.99 11.12
N PRO A 100 28.68 -0.10 10.20
CA PRO A 100 28.10 0.00 8.87
C PRO A 100 28.25 -1.29 8.07
N TYR A 101 27.11 -1.86 7.65
CA TYR A 101 26.98 -3.02 6.73
C TYR A 101 27.06 -2.54 5.28
N ALA A 102 26.97 -1.22 5.05
CA ALA A 102 27.02 -0.58 3.71
C ALA A 102 27.68 0.80 3.83
N ALA A 103 28.68 1.07 3.00
CA ALA A 103 29.39 2.36 2.93
C ALA A 103 28.51 3.35 2.17
N SER A 104 28.43 4.58 2.67
CA SER A 104 27.61 5.67 2.10
C SER A 104 28.37 6.97 2.30
N GLY A 105 27.81 8.09 1.86
CA GLY A 105 28.44 9.40 1.98
C GLY A 105 27.85 10.37 0.97
N LEU A 106 27.67 11.63 1.38
CA LEU A 106 27.03 12.66 0.55
C LEU A 106 27.90 12.99 -0.65
N VAL A 107 27.26 13.25 -1.79
CA VAL A 107 27.92 13.66 -3.05
C VAL A 107 27.01 14.69 -3.73
N VAL A 108 27.59 15.46 -4.64
CA VAL A 108 26.87 16.42 -5.51
C VAL A 108 26.69 15.75 -6.87
N VAL A 109 25.46 15.72 -7.36
CA VAL A 109 25.08 15.21 -8.71
C VAL A 109 24.63 16.42 -9.53
N ALA A 110 25.21 16.64 -10.69
CA ALA A 110 24.89 17.78 -11.58
C ALA A 110 25.08 17.35 -13.03
N PRO A 111 24.54 18.12 -14.00
CA PRO A 111 24.78 17.83 -15.41
C PRO A 111 26.28 17.87 -15.74
N GLY A 112 26.72 17.03 -16.69
CA GLY A 112 28.11 17.01 -17.17
C GLY A 112 28.48 18.39 -17.66
N GLY A 113 29.51 19.00 -17.06
CA GLY A 113 30.16 20.22 -17.58
C GLY A 113 29.56 21.52 -17.07
N THR A 114 28.82 21.50 -15.96
CA THR A 114 28.29 22.72 -15.28
C THR A 114 29.44 23.44 -14.59
N PRO A 115 29.23 24.72 -14.17
CA PRO A 115 30.19 25.43 -13.34
C PRO A 115 30.35 24.82 -11.94
N ILE A 116 29.41 23.97 -11.52
CA ILE A 116 29.47 23.27 -10.19
C ILE A 116 30.44 22.09 -10.33
N LYS A 117 31.55 22.14 -9.58
CA LYS A 117 32.62 21.12 -9.63
C LYS A 117 32.74 20.34 -8.31
N GLY A 118 32.23 20.89 -7.21
CA GLY A 118 32.30 20.26 -5.87
C GLY A 118 31.21 20.80 -4.95
N ILE A 119 31.09 20.27 -3.74
CA ILE A 119 30.19 20.81 -2.68
C ILE A 119 30.53 22.30 -2.46
N GLU A 120 31.83 22.62 -2.46
CA GLU A 120 32.38 23.95 -2.12
C GLU A 120 31.83 24.99 -3.11
N SER A 121 31.89 24.72 -4.41
CA SER A 121 31.49 25.67 -5.49
C SER A 121 29.97 25.81 -5.52
N LEU A 122 29.25 24.76 -5.06
CA LEU A 122 27.77 24.76 -4.94
C LEU A 122 27.33 25.69 -3.79
N ARG A 123 28.07 25.68 -2.68
CA ARG A 123 27.75 26.49 -1.48
C ARG A 123 27.76 27.98 -1.82
N GLU A 124 28.79 28.44 -2.55
CA GLU A 124 29.11 29.87 -2.77
C GLU A 124 28.16 30.48 -3.80
N ARG A 125 27.49 29.66 -4.61
CA ARG A 125 26.49 30.11 -5.62
C ARG A 125 25.19 30.52 -4.92
N ASP A 126 24.17 30.92 -5.68
CA ASP A 126 22.80 31.28 -5.17
C ASP A 126 21.76 30.25 -5.60
N ASP A 127 22.14 29.29 -6.44
CA ASP A 127 21.22 28.41 -7.22
C ASP A 127 20.64 27.31 -6.32
N PRO A 128 19.43 26.80 -6.64
CA PRO A 128 18.75 25.82 -5.79
C PRO A 128 19.41 24.44 -5.78
N ILE A 129 19.28 23.73 -4.65
CA ILE A 129 19.83 22.37 -4.43
C ILE A 129 18.67 21.41 -4.15
N GLY A 130 18.66 20.25 -4.81
CA GLY A 130 17.77 19.13 -4.45
C GLY A 130 18.31 18.34 -3.29
N TYR A 131 17.43 17.81 -2.45
CA TYR A 131 17.76 16.78 -1.42
C TYR A 131 16.60 15.78 -1.34
N GLN A 132 16.88 14.57 -0.83
CA GLN A 132 15.84 13.51 -0.69
C GLN A 132 14.95 13.80 0.51
N VAL A 133 13.63 13.68 0.32
CA VAL A 133 12.64 13.95 1.40
C VAL A 133 12.83 12.91 2.49
N GLY A 134 13.09 13.34 3.73
CA GLY A 134 13.26 12.48 4.91
C GLY A 134 14.71 12.14 5.18
N SER A 135 15.65 12.69 4.39
CA SER A 135 17.10 12.44 4.53
C SER A 135 17.69 13.40 5.55
N PHE A 136 18.70 12.96 6.32
CA PHE A 136 19.50 13.81 7.26
C PHE A 136 20.18 14.93 6.46
N ALA A 137 20.39 14.69 5.16
CA ALA A 137 21.00 15.64 4.20
C ALA A 137 20.46 17.04 4.49
N GLU A 138 19.13 17.22 4.59
CA GLU A 138 18.50 18.53 4.84
C GLU A 138 19.11 19.19 6.08
N SER A 139 19.22 18.47 7.20
CA SER A 139 19.80 18.95 8.48
C SER A 139 21.25 19.42 8.27
N TYR A 140 22.07 18.59 7.63
CA TYR A 140 23.50 18.88 7.33
C TYR A 140 23.60 20.18 6.53
N LEU A 141 22.77 20.36 5.50
CA LEU A 141 22.82 21.51 4.55
C LEU A 141 22.53 22.83 5.29
N ARG A 142 21.68 22.78 6.33
CA ARG A 142 21.21 23.98 7.06
C ARG A 142 22.15 24.33 8.21
N ASN A 143 22.72 23.33 8.89
CA ASN A 143 23.37 23.52 10.21
C ASN A 143 24.88 23.56 10.03
N GLU A 144 25.46 22.59 9.29
CA GLU A 144 26.92 22.47 9.11
C GLU A 144 27.37 23.35 7.95
N LEU A 145 26.62 23.37 6.83
CA LEU A 145 26.98 24.15 5.61
C LEU A 145 26.21 25.48 5.58
N ASN A 146 25.18 25.59 6.40
CA ASN A 146 24.42 26.85 6.64
C ASN A 146 23.90 27.41 5.31
N ILE A 147 23.52 26.55 4.36
CA ILE A 147 22.86 26.99 3.09
C ILE A 147 21.44 27.41 3.45
N SER A 148 20.96 28.51 2.85
CA SER A 148 19.66 29.15 3.14
C SER A 148 18.54 28.17 2.79
N GLU A 149 17.51 28.06 3.65
CA GLU A 149 16.39 27.11 3.46
C GLU A 149 15.61 27.45 2.19
N SER A 150 15.70 28.69 1.71
CA SER A 150 15.03 29.17 0.48
C SER A 150 15.67 28.57 -0.77
N ARG A 151 16.83 27.91 -0.63
CA ARG A 151 17.56 27.29 -1.77
C ARG A 151 17.29 25.79 -1.83
N LEU A 152 16.97 25.16 -0.71
CA LEU A 152 16.82 23.70 -0.61
C LEU A 152 15.45 23.33 -1.15
N VAL A 153 15.42 22.32 -2.02
CA VAL A 153 14.19 21.79 -2.69
C VAL A 153 14.06 20.31 -2.35
N PRO A 154 12.97 19.89 -1.64
CA PRO A 154 12.76 18.47 -1.36
C PRO A 154 12.37 17.75 -2.66
N LEU A 155 12.78 16.48 -2.79
CA LEU A 155 12.50 15.63 -3.98
C LEU A 155 12.28 14.18 -3.52
N GLY A 156 11.10 13.63 -3.83
CA GLY A 156 10.62 12.36 -3.27
C GLY A 156 11.13 11.14 -4.02
N THR A 157 11.28 11.22 -5.35
CA THR A 157 11.50 10.07 -6.25
C THR A 157 12.64 10.37 -7.21
N PRO A 158 13.24 9.35 -7.88
CA PRO A 158 14.25 9.60 -8.90
C PRO A 158 13.67 10.34 -10.13
N GLU A 159 12.41 10.11 -10.47
CA GLU A 159 11.67 10.87 -11.51
C GLU A 159 11.73 12.36 -11.14
N ALA A 160 11.40 12.68 -9.89
CA ALA A 160 11.49 14.04 -9.30
C ALA A 160 12.93 14.57 -9.48
N TYR A 161 13.92 13.74 -9.21
CA TYR A 161 15.37 14.08 -9.37
C TYR A 161 15.58 14.54 -10.81
N ALA A 162 15.26 13.67 -11.77
CA ALA A 162 15.57 13.84 -13.22
C ALA A 162 14.83 15.05 -13.78
N LYS A 163 13.64 15.34 -13.27
CA LYS A 163 12.80 16.48 -13.71
C LYS A 163 13.51 17.76 -13.29
N ALA A 164 13.80 17.91 -12.00
CA ALA A 164 14.40 19.11 -11.38
C ALA A 164 15.75 19.42 -12.02
N LEU A 165 16.43 18.39 -12.55
CA LEU A 165 17.74 18.56 -13.24
C LEU A 165 17.52 18.99 -14.68
N LYS A 166 16.54 18.39 -15.36
CA LYS A 166 16.11 18.78 -16.74
C LYS A 166 15.63 20.24 -16.68
N ASP A 167 14.64 20.54 -15.83
CA ASP A 167 14.09 21.90 -15.63
C ASP A 167 15.22 22.89 -15.33
N GLY A 168 16.07 22.58 -14.35
CA GLY A 168 17.20 23.45 -13.96
C GLY A 168 16.69 24.61 -13.11
N PRO A 169 17.58 25.53 -12.66
CA PRO A 169 17.17 26.63 -11.78
C PRO A 169 16.13 27.57 -12.41
N SER A 170 16.33 27.91 -13.69
CA SER A 170 15.53 28.85 -14.48
C SER A 170 14.11 28.36 -14.73
N LYS A 171 13.74 27.13 -14.33
CA LYS A 171 12.39 26.54 -14.56
C LYS A 171 11.89 25.85 -13.29
N GLY A 172 12.13 26.46 -12.14
CA GLY A 172 11.69 25.96 -10.82
C GLY A 172 12.24 24.57 -10.53
N GLY A 173 13.41 24.26 -11.10
CA GLY A 173 14.18 23.04 -10.78
C GLY A 173 15.40 23.38 -9.94
N VAL A 174 16.39 22.47 -9.92
CA VAL A 174 17.63 22.59 -9.11
C VAL A 174 18.83 22.56 -10.07
N ALA A 175 19.94 23.15 -9.65
CA ALA A 175 21.23 23.16 -10.37
C ALA A 175 21.97 21.83 -10.15
N ALA A 176 21.74 21.24 -8.99
CA ALA A 176 22.36 19.99 -8.52
C ALA A 176 21.49 19.36 -7.43
N ILE A 177 21.78 18.10 -7.12
CA ILE A 177 21.19 17.34 -5.99
C ILE A 177 22.33 16.92 -5.05
N VAL A 178 22.10 17.01 -3.74
CA VAL A 178 22.99 16.42 -2.72
C VAL A 178 22.26 15.21 -2.14
N ASP A 179 22.89 14.04 -2.21
CA ASP A 179 22.30 12.80 -1.66
C ASP A 179 23.41 11.76 -1.45
N GLU A 180 23.11 10.80 -0.57
CA GLU A 180 24.02 9.66 -0.29
C GLU A 180 24.25 8.87 -1.57
N ARG A 181 25.46 8.34 -1.70
CA ARG A 181 25.96 7.73 -2.98
C ARG A 181 25.04 6.61 -3.44
N PRO A 182 24.67 5.63 -2.58
CA PRO A 182 23.87 4.49 -3.03
C PRO A 182 22.66 4.91 -3.86
N TYR A 183 21.84 5.84 -3.35
CA TYR A 183 20.64 6.38 -4.06
C TYR A 183 21.11 7.01 -5.37
N VAL A 184 22.15 7.82 -5.30
CA VAL A 184 22.73 8.54 -6.47
C VAL A 184 23.14 7.51 -7.52
N GLU A 185 23.87 6.48 -7.12
CA GLU A 185 24.37 5.42 -8.02
C GLU A 185 23.19 4.80 -8.77
N LEU A 186 22.13 4.43 -8.08
CA LEU A 186 20.90 3.83 -8.69
C LEU A 186 20.34 4.84 -9.69
N PHE A 187 20.13 6.09 -9.27
CA PHE A 187 19.56 7.16 -10.11
C PHE A 187 20.34 7.27 -11.43
N LEU A 188 21.67 7.23 -11.35
CA LEU A 188 22.56 7.45 -12.51
C LEU A 188 22.53 6.23 -13.44
N SER A 189 22.27 5.04 -12.92
CA SER A 189 22.06 3.82 -13.75
C SER A 189 21.09 4.13 -14.89
N SER A 190 20.01 4.85 -14.60
CA SER A 190 18.91 5.11 -15.56
C SER A 190 19.03 6.51 -16.16
N ASN A 191 20.00 7.30 -15.72
CA ASN A 191 20.19 8.71 -16.14
C ASN A 191 21.69 8.99 -16.29
N CYS A 192 22.31 8.46 -17.35
CA CYS A 192 23.76 8.61 -17.64
C CYS A 192 24.14 10.05 -17.99
N ALA A 193 23.20 10.90 -18.35
CA ALA A 193 23.42 12.33 -18.71
C ALA A 193 24.05 13.12 -17.57
N TYR A 194 23.93 12.66 -16.33
CA TYR A 194 24.45 13.35 -15.12
C TYR A 194 25.65 12.56 -14.57
N ARG A 195 26.36 13.16 -13.62
CA ARG A 195 27.62 12.64 -13.04
C ARG A 195 27.78 13.20 -11.62
N ILE A 196 28.50 12.46 -10.77
CA ILE A 196 28.93 12.91 -9.42
C ILE A 196 30.13 13.84 -9.59
N VAL A 197 29.94 15.15 -9.39
CA VAL A 197 31.03 16.17 -9.41
C VAL A 197 31.70 16.20 -8.03
N GLY A 198 33.02 16.40 -8.01
CA GLY A 198 33.86 16.32 -6.81
C GLY A 198 33.89 14.91 -6.26
N GLN A 199 34.32 14.78 -5.01
CA GLN A 199 34.37 13.49 -4.27
C GLN A 199 33.26 13.46 -3.23
N GLU A 200 33.11 12.28 -2.61
CA GLU A 200 32.33 12.06 -1.37
C GLU A 200 32.82 13.06 -0.34
N PHE A 201 31.93 13.72 0.40
CA PHE A 201 32.32 14.72 1.43
C PHE A 201 31.64 14.46 2.78
N THR A 202 31.05 13.28 2.98
CA THR A 202 30.76 12.68 4.32
C THR A 202 31.12 11.20 4.23
N LYS A 203 31.38 10.54 5.36
CA LYS A 203 31.72 9.09 5.37
C LYS A 203 30.66 8.32 6.18
N SER A 204 29.53 8.96 6.47
CA SER A 204 28.37 8.34 7.17
C SER A 204 27.95 7.08 6.42
N GLY A 205 28.10 5.90 7.02
CA GLY A 205 27.65 4.61 6.48
C GLY A 205 26.27 4.23 7.01
N TRP A 206 25.72 3.10 6.54
CA TRP A 206 24.40 2.57 6.98
C TRP A 206 24.60 1.56 8.09
N GLY A 207 23.70 1.55 9.06
CA GLY A 207 23.71 0.57 10.15
C GLY A 207 22.32 0.28 10.64
N PHE A 208 22.23 -0.70 11.54
CA PHE A 208 21.00 -1.09 12.24
C PHE A 208 21.01 -0.42 13.62
N ALA A 209 19.94 0.29 13.95
CA ALA A 209 19.80 1.13 15.16
C ALA A 209 19.17 0.29 16.26
N PHE A 210 19.66 0.46 17.50
CA PHE A 210 19.20 -0.26 18.72
C PHE A 210 19.34 0.65 19.93
N PRO A 211 18.57 0.41 21.01
CA PRO A 211 18.67 1.26 22.20
C PRO A 211 20.12 1.28 22.70
N ARG A 212 20.55 2.41 23.30
CA ARG A 212 21.90 2.54 23.91
C ARG A 212 22.16 1.30 24.78
N ASP A 213 23.34 0.71 24.64
CA ASP A 213 23.84 -0.43 25.46
C ASP A 213 23.14 -1.73 25.01
N SER A 214 22.86 -1.88 23.72
CA SER A 214 22.24 -3.12 23.17
C SER A 214 23.34 -4.13 22.85
N PRO A 215 23.40 -5.30 23.54
CA PRO A 215 24.33 -6.35 23.16
C PRO A 215 24.14 -6.77 21.68
N LEU A 216 22.90 -6.64 21.20
CA LEU A 216 22.49 -6.87 19.79
C LEU A 216 23.40 -6.06 18.88
N ALA A 217 23.58 -4.76 19.14
CA ALA A 217 24.31 -3.83 18.26
C ALA A 217 25.73 -4.35 18.01
N ILE A 218 26.40 -4.81 19.08
CA ILE A 218 27.82 -5.27 19.03
C ILE A 218 27.86 -6.65 18.34
N ASP A 219 26.96 -7.55 18.72
CA ASP A 219 26.96 -8.95 18.22
C ASP A 219 26.68 -8.94 16.71
N LEU A 220 25.89 -7.98 16.23
CA LEU A 220 25.54 -7.89 14.79
C LEU A 220 26.69 -7.24 14.03
N SER A 221 27.32 -6.22 14.61
CA SER A 221 28.55 -5.60 14.06
C SER A 221 29.55 -6.69 13.66
N THR A 222 29.75 -7.70 14.53
CA THR A 222 30.68 -8.83 14.30
C THR A 222 30.11 -9.71 13.18
N ALA A 223 28.81 -9.99 13.24
CA ALA A 223 28.06 -10.77 12.22
C ALA A 223 28.31 -10.15 10.83
N ILE A 224 28.06 -8.84 10.71
CA ILE A 224 28.23 -8.06 9.44
C ILE A 224 29.62 -8.32 8.86
N LEU A 225 30.64 -8.39 9.71
CA LEU A 225 32.04 -8.65 9.29
C LEU A 225 32.13 -10.04 8.65
N GLU A 226 31.58 -11.07 9.30
CA GLU A 226 31.59 -12.48 8.79
C GLU A 226 30.98 -12.51 7.39
N LEU A 227 29.86 -11.79 7.18
CA LEU A 227 29.14 -11.68 5.88
C LEU A 227 30.04 -11.03 4.83
N ALA A 228 30.82 -10.02 5.24
CA ALA A 228 31.75 -9.29 4.36
C ALA A 228 32.90 -10.23 3.97
N GLU A 229 33.51 -10.91 4.94
CA GLU A 229 34.68 -11.79 4.69
C GLU A 229 34.25 -12.96 3.79
N ASN A 230 33.09 -13.57 4.01
CA ASN A 230 32.56 -14.70 3.20
C ASN A 230 31.95 -14.21 1.88
N GLY A 231 32.03 -12.91 1.59
CA GLY A 231 31.65 -12.30 0.29
C GLY A 231 30.15 -12.30 0.07
N ASP A 232 29.36 -12.57 1.11
CA ASP A 232 27.87 -12.64 1.05
C ASP A 232 27.31 -11.22 0.98
N LEU A 233 27.98 -10.22 1.57
CA LEU A 233 27.60 -8.81 1.47
C LEU A 233 27.65 -8.40 -0.01
N GLN A 234 28.73 -8.71 -0.74
CA GLN A 234 28.86 -8.30 -2.17
C GLN A 234 27.90 -9.15 -3.00
N ARG A 235 27.57 -10.34 -2.50
CA ARG A 235 26.62 -11.25 -3.18
C ARG A 235 25.20 -10.67 -3.13
N ILE A 236 24.74 -10.32 -1.91
CA ILE A 236 23.42 -9.70 -1.65
C ILE A 236 23.37 -8.36 -2.40
N HIS A 237 24.44 -7.56 -2.35
CA HIS A 237 24.54 -6.30 -3.11
C HIS A 237 24.22 -6.61 -4.57
N ASP A 238 24.97 -7.53 -5.17
CA ASP A 238 24.88 -7.90 -6.61
C ASP A 238 23.44 -8.32 -6.94
N LYS A 239 22.74 -8.95 -5.98
CA LYS A 239 21.37 -9.52 -6.18
C LYS A 239 20.32 -8.41 -6.26
N TRP A 240 20.53 -7.28 -5.59
CA TRP A 240 19.52 -6.19 -5.48
C TRP A 240 19.98 -4.98 -6.30
N LEU A 241 21.29 -4.76 -6.42
CA LEU A 241 21.89 -3.54 -7.01
C LEU A 241 22.86 -4.02 -8.10
N CYS A 246 25.78 2.47 -16.72
CA CYS A 246 26.47 3.17 -17.83
C CYS A 246 27.77 2.41 -18.15
N GLU B 6 10.73 -17.85 -35.68
CA GLU B 6 9.67 -16.78 -35.61
C GLU B 6 9.70 -16.11 -34.24
N LEU B 7 9.07 -14.94 -34.11
CA LEU B 7 9.07 -14.11 -32.89
C LEU B 7 7.80 -14.35 -32.08
N LYS B 8 7.95 -14.67 -30.80
CA LYS B 8 6.87 -14.60 -29.78
C LYS B 8 6.65 -13.12 -29.45
N ILE B 9 5.60 -12.50 -30.01
CA ILE B 9 5.23 -11.07 -29.75
C ILE B 9 4.05 -11.03 -28.78
N GLY B 10 4.26 -10.47 -27.59
CA GLY B 10 3.21 -10.25 -26.58
C GLY B 10 2.20 -9.23 -27.08
N VAL B 11 0.91 -9.49 -26.88
CA VAL B 11 -0.18 -8.55 -27.26
C VAL B 11 -1.14 -8.40 -26.08
N PRO B 12 -1.47 -7.16 -25.66
CA PRO B 12 -2.38 -6.96 -24.52
C PRO B 12 -3.78 -7.46 -24.89
N LEU B 13 -4.41 -8.18 -23.97
CA LEU B 13 -5.79 -8.74 -24.08
C LEU B 13 -6.79 -7.76 -23.44
N ARG B 14 -7.04 -6.65 -24.14
CA ARG B 14 -7.91 -5.51 -23.72
C ARG B 14 -9.37 -5.96 -23.59
N VAL B 15 -10.03 -5.55 -22.51
CA VAL B 15 -11.47 -5.86 -22.24
C VAL B 15 -12.34 -4.64 -22.58
N SER B 16 -11.74 -3.46 -22.81
CA SER B 16 -12.43 -2.22 -23.27
C SER B 16 -11.63 -1.57 -24.41
N TYR B 17 -12.21 -0.55 -25.07
CA TYR B 17 -11.56 0.25 -26.16
C TYR B 17 -10.79 -0.68 -27.11
N LYS B 18 -11.50 -1.65 -27.67
CA LYS B 18 -10.94 -2.75 -28.49
C LYS B 18 -10.60 -2.25 -29.90
N GLU B 19 -10.95 -1.01 -30.24
CA GLU B 19 -10.62 -0.39 -31.55
C GLU B 19 -9.10 -0.33 -31.73
N PHE B 20 -8.34 -0.32 -30.63
CA PHE B 20 -6.86 -0.22 -30.62
C PHE B 20 -6.25 -1.61 -30.78
N VAL B 21 -6.61 -2.52 -29.87
CA VAL B 21 -6.17 -3.94 -29.89
C VAL B 21 -7.28 -4.79 -29.29
N SER B 22 -7.58 -5.91 -29.96
CA SER B 22 -8.53 -6.94 -29.51
C SER B 22 -8.12 -8.32 -30.06
N GLN B 23 -8.12 -9.32 -29.19
CA GLN B 23 -8.08 -10.77 -29.55
C GLN B 23 -9.32 -11.09 -30.37
N ILE B 24 -9.20 -11.89 -31.43
CA ILE B 24 -10.38 -12.41 -32.20
C ILE B 24 -11.11 -13.42 -31.32
N ARG B 25 -12.45 -13.35 -31.30
CA ARG B 25 -13.32 -14.23 -30.48
C ARG B 25 -13.10 -15.67 -30.94
N GLY B 26 -12.82 -16.59 -30.01
CA GLY B 26 -12.69 -18.04 -30.25
C GLY B 26 -11.31 -18.45 -30.77
N THR B 27 -10.32 -17.56 -30.65
CA THR B 27 -8.91 -17.81 -31.04
C THR B 27 -8.01 -17.45 -29.85
N GLU B 28 -6.74 -17.82 -29.93
CA GLU B 28 -5.74 -17.50 -28.91
C GLU B 28 -4.64 -16.61 -29.52
N ASN B 29 -4.25 -16.83 -30.78
CA ASN B 29 -3.07 -16.17 -31.39
C ASN B 29 -3.47 -15.18 -32.50
N MET B 30 -4.74 -14.83 -32.60
CA MET B 30 -5.24 -13.93 -33.66
C MET B 30 -5.80 -12.64 -33.06
N PHE B 31 -5.38 -11.48 -33.58
CA PHE B 31 -5.70 -10.14 -33.06
C PHE B 31 -6.04 -9.20 -34.23
N LYS B 32 -6.86 -8.18 -33.96
CA LYS B 32 -7.18 -7.06 -34.89
C LYS B 32 -7.15 -5.76 -34.10
N GLY B 33 -7.16 -4.61 -34.77
CA GLY B 33 -7.21 -3.27 -34.15
C GLY B 33 -6.23 -2.29 -34.77
N PHE B 34 -6.35 -1.01 -34.43
CA PHE B 34 -5.52 0.11 -34.96
C PHE B 34 -4.05 -0.26 -34.87
N CYS B 35 -3.62 -0.76 -33.71
CA CYS B 35 -2.20 -1.03 -33.37
C CYS B 35 -1.67 -2.20 -34.20
N ILE B 36 -2.46 -3.26 -34.35
CA ILE B 36 -2.07 -4.45 -35.14
C ILE B 36 -1.81 -3.97 -36.57
N ASP B 37 -2.78 -3.25 -37.16
CA ASP B 37 -2.77 -2.83 -38.58
C ASP B 37 -1.54 -1.96 -38.85
N VAL B 38 -1.25 -1.03 -37.94
CA VAL B 38 -0.02 -0.19 -38.00
C VAL B 38 1.18 -1.13 -38.05
N PHE B 39 1.28 -2.05 -37.08
CA PHE B 39 2.43 -2.97 -36.92
C PHE B 39 2.62 -3.82 -38.19
N THR B 40 1.53 -4.35 -38.74
CA THR B 40 1.54 -5.18 -39.97
C THR B 40 2.14 -4.35 -41.11
N ALA B 41 1.48 -3.22 -41.43
CA ALA B 41 1.92 -2.26 -42.46
C ALA B 41 3.42 -2.01 -42.32
N ALA B 42 3.87 -1.72 -41.09
CA ALA B 42 5.25 -1.35 -40.74
C ALA B 42 6.22 -2.48 -41.13
N VAL B 43 5.89 -3.71 -40.74
CA VAL B 43 6.76 -4.90 -41.00
C VAL B 43 6.87 -5.11 -42.51
N ASN B 44 5.82 -4.78 -43.27
CA ASN B 44 5.74 -5.09 -44.73
C ASN B 44 6.76 -4.22 -45.47
N LEU B 45 7.03 -3.00 -45.00
CA LEU B 45 8.00 -2.06 -45.62
C LEU B 45 9.42 -2.54 -45.38
N LEU B 46 9.64 -3.46 -44.43
CA LEU B 46 10.98 -4.03 -44.16
C LEU B 46 11.44 -4.84 -45.37
N PRO B 47 12.76 -4.87 -45.66
CA PRO B 47 13.29 -5.56 -46.84
C PRO B 47 13.33 -7.08 -46.67
N TYR B 48 13.21 -7.57 -45.43
CA TYR B 48 13.24 -9.01 -45.08
C TYR B 48 11.90 -9.45 -44.48
N ALA B 49 11.76 -10.75 -44.23
CA ALA B 49 10.57 -11.39 -43.62
C ALA B 49 10.70 -11.33 -42.10
N VAL B 50 9.59 -11.07 -41.41
CA VAL B 50 9.50 -11.06 -39.92
C VAL B 50 8.31 -11.92 -39.50
N PRO B 51 8.51 -13.25 -39.32
CA PRO B 51 7.43 -14.12 -38.86
C PRO B 51 7.10 -13.84 -37.39
N VAL B 52 5.82 -13.62 -37.07
CA VAL B 52 5.37 -13.35 -35.68
C VAL B 52 4.36 -14.40 -35.23
N LYS B 53 4.41 -14.73 -33.94
CA LYS B 53 3.31 -15.42 -33.21
C LYS B 53 2.83 -14.46 -32.11
N PHE B 54 1.68 -13.85 -32.30
CA PHE B 54 1.03 -13.01 -31.26
C PHE B 54 0.67 -13.91 -30.09
N ILE B 55 1.06 -13.51 -28.89
CA ILE B 55 0.71 -14.21 -27.62
C ILE B 55 -0.16 -13.27 -26.78
N PRO B 56 -1.36 -13.69 -26.35
CA PRO B 56 -2.20 -12.83 -25.52
C PRO B 56 -1.50 -12.68 -24.17
N TYR B 57 -1.48 -11.46 -23.65
CA TYR B 57 -1.22 -11.17 -22.22
C TYR B 57 -2.51 -10.65 -21.59
N GLY B 58 -3.00 -11.31 -20.53
CA GLY B 58 -4.20 -10.87 -19.80
C GLY B 58 -5.14 -12.02 -19.50
N ASN B 59 -5.95 -11.88 -18.45
CA ASN B 59 -6.83 -12.96 -17.89
C ASN B 59 -8.19 -12.96 -18.60
N GLY B 60 -8.46 -11.97 -19.44
CA GLY B 60 -9.73 -11.89 -20.21
C GLY B 60 -10.83 -11.23 -19.41
N LYS B 61 -10.71 -11.10 -18.08
CA LYS B 61 -11.69 -10.36 -17.25
C LYS B 61 -11.36 -8.87 -17.23
N GLU B 62 -10.15 -8.49 -16.83
CA GLU B 62 -9.71 -7.07 -16.65
C GLU B 62 -8.48 -6.79 -17.52
N ASN B 63 -8.31 -5.54 -17.95
CA ASN B 63 -7.14 -5.08 -18.73
C ASN B 63 -5.89 -5.46 -17.95
N PRO B 64 -4.86 -6.02 -18.60
CA PRO B 64 -3.62 -6.40 -17.92
C PRO B 64 -2.75 -5.20 -17.54
N SER B 65 -1.81 -5.41 -16.62
CA SER B 65 -0.74 -4.43 -16.27
C SER B 65 0.23 -4.36 -17.46
N TYR B 66 0.25 -3.23 -18.17
CA TYR B 66 1.11 -3.03 -19.36
C TYR B 66 2.58 -3.04 -18.92
N THR B 67 2.87 -2.63 -17.69
CA THR B 67 4.24 -2.63 -17.10
C THR B 67 4.76 -4.08 -17.00
N HIS B 68 3.98 -5.00 -16.42
CA HIS B 68 4.39 -6.42 -16.27
C HIS B 68 4.52 -7.03 -17.68
N MET B 69 3.55 -6.74 -18.56
CA MET B 69 3.58 -7.21 -19.97
C MET B 69 4.96 -6.90 -20.58
N VAL B 70 5.41 -5.64 -20.44
CA VAL B 70 6.71 -5.17 -21.00
C VAL B 70 7.85 -5.97 -20.37
N GLU B 71 7.79 -6.18 -19.04
CA GLU B 71 8.84 -6.88 -18.26
C GLU B 71 9.11 -8.25 -18.88
N MET B 72 8.09 -8.90 -19.45
CA MET B 72 8.19 -10.27 -20.03
C MET B 72 9.22 -10.30 -21.17
N ILE B 73 9.46 -9.17 -21.85
CA ILE B 73 10.54 -9.03 -22.87
C ILE B 73 11.88 -9.29 -22.18
N THR B 74 12.09 -8.64 -21.03
CA THR B 74 13.37 -8.64 -20.27
C THR B 74 13.62 -10.03 -19.64
N THR B 75 12.56 -10.75 -19.22
CA THR B 75 12.64 -12.13 -18.68
C THR B 75 12.79 -13.13 -19.85
N GLY B 76 12.79 -12.65 -21.09
CA GLY B 76 13.02 -13.47 -22.30
C GLY B 76 11.80 -14.30 -22.69
N ASN B 77 10.62 -13.99 -22.12
CA ASN B 77 9.34 -14.69 -22.43
C ASN B 77 8.77 -14.19 -23.75
N PHE B 78 8.92 -12.90 -24.07
CA PHE B 78 8.54 -12.29 -25.38
C PHE B 78 9.77 -11.75 -26.10
N ASP B 79 9.80 -11.92 -27.42
CA ASP B 79 10.83 -11.31 -28.31
C ASP B 79 10.46 -9.85 -28.59
N GLY B 80 9.24 -9.45 -28.23
CA GLY B 80 8.75 -8.06 -28.35
C GLY B 80 7.32 -7.92 -27.83
N VAL B 81 6.82 -6.69 -27.74
CA VAL B 81 5.40 -6.41 -27.39
C VAL B 81 4.85 -5.37 -28.36
N VAL B 82 3.70 -5.71 -28.95
CA VAL B 82 2.91 -4.82 -29.84
C VAL B 82 1.56 -4.59 -29.18
N GLY B 83 1.14 -3.33 -29.08
CA GLY B 83 -0.16 -2.89 -28.54
C GLY B 83 -0.19 -1.39 -28.31
N ASP B 84 -1.15 -0.93 -27.50
CA ASP B 84 -1.35 0.49 -27.15
C ASP B 84 -0.48 0.83 -25.93
N VAL B 85 0.84 0.77 -26.09
CA VAL B 85 1.84 0.78 -24.96
C VAL B 85 2.44 2.18 -24.85
N ALA B 86 2.18 2.85 -23.72
CA ALA B 86 2.75 4.17 -23.41
C ALA B 86 4.26 4.02 -23.27
N ILE B 87 5.01 4.87 -23.99
CA ILE B 87 6.49 4.96 -23.87
C ILE B 87 6.79 5.82 -22.64
N VAL B 88 6.97 5.18 -21.48
CA VAL B 88 7.17 5.89 -20.18
C VAL B 88 8.54 5.47 -19.64
N THR B 89 9.06 6.27 -18.73
CA THR B 89 10.50 6.33 -18.38
C THR B 89 10.94 4.99 -17.77
N ASN B 90 10.21 4.48 -16.79
CA ASN B 90 10.57 3.22 -16.07
C ASN B 90 10.52 2.03 -17.04
N ARG B 91 9.64 2.05 -18.05
CA ARG B 91 9.58 1.01 -19.11
C ARG B 91 10.78 1.15 -20.07
N THR B 92 11.11 2.36 -20.52
CA THR B 92 12.23 2.62 -21.45
C THR B 92 13.56 2.22 -20.81
N LYS B 93 13.64 2.24 -19.48
CA LYS B 93 14.84 1.83 -18.70
C LYS B 93 15.25 0.39 -19.08
N ILE B 94 14.28 -0.49 -19.36
CA ILE B 94 14.50 -1.97 -19.43
C ILE B 94 14.36 -2.50 -20.87
N VAL B 95 13.69 -1.78 -21.77
CA VAL B 95 13.47 -2.21 -23.18
C VAL B 95 13.71 -1.03 -24.13
N ASP B 96 13.67 -1.31 -25.42
CA ASP B 96 13.88 -0.34 -26.52
C ASP B 96 12.58 -0.23 -27.33
N PHE B 97 11.92 0.93 -27.26
CA PHE B 97 10.70 1.26 -28.02
C PHE B 97 11.07 1.65 -29.43
N THR B 98 10.13 1.47 -30.36
CA THR B 98 10.17 2.09 -31.70
C THR B 98 9.88 3.57 -31.51
N GLN B 99 9.84 4.32 -32.62
CA GLN B 99 9.29 5.69 -32.68
C GLN B 99 7.82 5.61 -32.26
N PRO B 100 7.25 6.65 -31.61
CA PRO B 100 5.82 6.69 -31.34
C PRO B 100 5.01 6.72 -32.64
N TYR B 101 4.16 5.72 -32.85
CA TYR B 101 3.25 5.60 -34.03
C TYR B 101 1.93 6.32 -33.72
N ALA B 102 1.70 6.70 -32.46
CA ALA B 102 0.45 7.34 -32.00
C ALA B 102 0.75 8.30 -30.86
N ALA B 103 0.25 9.54 -30.99
CA ALA B 103 0.40 10.62 -29.98
C ALA B 103 -0.55 10.35 -28.82
N SER B 104 -0.07 10.48 -27.59
CA SER B 104 -0.85 10.23 -26.37
C SER B 104 -0.43 11.24 -25.30
N GLY B 105 -1.04 11.21 -24.14
CA GLY B 105 -0.73 12.12 -23.03
C GLY B 105 -1.91 12.19 -22.08
N LEU B 106 -1.61 12.25 -20.78
CA LEU B 106 -2.63 12.22 -19.71
C LEU B 106 -3.43 13.51 -19.76
N VAL B 107 -4.72 13.39 -19.45
CA VAL B 107 -5.67 14.52 -19.34
C VAL B 107 -6.61 14.21 -18.18
N ILE B 119 -5.26 19.75 -14.06
CA ILE B 119 -4.58 18.69 -13.25
C ILE B 119 -4.33 19.24 -11.84
N GLU B 120 -3.92 20.51 -11.74
CA GLU B 120 -3.48 21.15 -10.48
C GLU B 120 -4.60 21.10 -9.43
N SER B 121 -5.83 21.46 -9.81
CA SER B 121 -6.98 21.66 -8.89
C SER B 121 -7.46 20.32 -8.33
N GLY B 130 -10.90 8.52 -10.75
CA GLY B 130 -10.90 7.33 -11.60
C GLY B 130 -9.59 7.21 -12.36
N TYR B 131 -9.13 5.97 -12.58
CA TYR B 131 -8.01 5.66 -13.52
C TYR B 131 -8.34 4.35 -14.22
N GLN B 132 -7.73 4.12 -15.40
CA GLN B 132 -7.97 2.88 -16.17
C GLN B 132 -7.18 1.73 -15.54
N VAL B 133 -7.83 0.58 -15.38
CA VAL B 133 -7.23 -0.62 -14.73
C VAL B 133 -6.09 -1.09 -15.65
N GLY B 134 -4.86 -1.18 -15.12
CA GLY B 134 -3.66 -1.67 -15.84
C GLY B 134 -2.87 -0.56 -16.49
N SER B 135 -3.28 0.71 -16.30
CA SER B 135 -2.60 1.91 -16.86
C SER B 135 -1.46 2.32 -15.95
N PHE B 136 -0.36 2.84 -16.53
CA PHE B 136 0.78 3.45 -15.81
C PHE B 136 0.29 4.65 -15.00
N ALA B 137 -0.83 5.24 -15.42
CA ALA B 137 -1.52 6.36 -14.74
C ALA B 137 -1.42 6.16 -13.22
N GLU B 138 -1.79 5.00 -12.70
CA GLU B 138 -1.81 4.74 -11.23
C GLU B 138 -0.42 4.99 -10.62
N SER B 139 0.64 4.51 -11.26
CA SER B 139 2.06 4.73 -10.83
C SER B 139 2.39 6.22 -10.79
N TYR B 140 2.07 6.95 -11.85
CA TYR B 140 2.29 8.42 -11.96
C TYR B 140 1.57 9.16 -10.84
N LEU B 141 0.33 8.78 -10.53
CA LEU B 141 -0.55 9.42 -9.49
C LEU B 141 0.08 9.27 -8.11
N ARG B 142 0.83 8.20 -7.85
CA ARG B 142 1.43 7.87 -6.52
C ARG B 142 2.80 8.54 -6.36
N ASN B 143 3.59 8.61 -7.43
CA ASN B 143 5.03 8.94 -7.36
C ASN B 143 5.27 10.40 -7.70
N GLU B 144 4.70 10.90 -8.80
CA GLU B 144 4.90 12.31 -9.25
C GLU B 144 3.91 13.22 -8.51
N LEU B 145 2.65 12.82 -8.41
CA LEU B 145 1.55 13.66 -7.86
C LEU B 145 1.27 13.28 -6.40
N ASN B 146 1.78 12.13 -5.97
CA ASN B 146 1.78 11.67 -4.55
C ASN B 146 0.35 11.64 -4.00
N ILE B 147 -0.65 11.34 -4.83
CA ILE B 147 -2.07 11.21 -4.39
C ILE B 147 -2.21 9.92 -3.58
N SER B 150 -6.01 5.75 -1.13
CA SER B 150 -7.42 5.72 -0.64
C SER B 150 -8.31 6.58 -1.54
N ARG B 151 -7.75 7.37 -2.45
CA ARG B 151 -8.52 8.26 -3.37
C ARG B 151 -8.69 7.61 -4.75
N LEU B 152 -7.76 6.75 -5.14
CA LEU B 152 -7.71 6.19 -6.52
C LEU B 152 -8.75 5.07 -6.63
N VAL B 153 -9.55 5.12 -7.70
CA VAL B 153 -10.62 4.13 -8.00
C VAL B 153 -10.34 3.52 -9.37
N PRO B 154 -10.09 2.20 -9.46
CA PRO B 154 -9.89 1.55 -10.75
C PRO B 154 -11.22 1.50 -11.52
N LEU B 155 -11.17 1.62 -12.86
CA LEU B 155 -12.37 1.59 -13.74
C LEU B 155 -12.00 0.85 -15.04
N GLY B 156 -12.72 -0.25 -15.32
CA GLY B 156 -12.34 -1.24 -16.35
C GLY B 156 -12.81 -0.84 -17.74
N THR B 157 -14.00 -0.23 -17.83
CA THR B 157 -14.73 0.01 -19.10
C THR B 157 -15.16 1.48 -19.17
N PRO B 158 -15.52 1.98 -20.36
CA PRO B 158 -16.07 3.34 -20.48
C PRO B 158 -17.42 3.48 -19.78
N GLU B 159 -18.24 2.41 -19.77
CA GLU B 159 -19.51 2.35 -19.00
C GLU B 159 -19.18 2.64 -17.53
N ALA B 160 -18.18 1.94 -16.98
CA ALA B 160 -17.64 2.15 -15.61
C ALA B 160 -17.26 3.63 -15.44
N TYR B 161 -16.55 4.20 -16.42
CA TYR B 161 -16.17 5.64 -16.43
C TYR B 161 -17.43 6.47 -16.19
N ALA B 162 -18.40 6.36 -17.10
CA ALA B 162 -19.61 7.23 -17.16
C ALA B 162 -20.45 7.09 -15.88
N LYS B 163 -20.48 5.89 -15.28
CA LYS B 163 -21.26 5.63 -14.03
C LYS B 163 -20.64 6.42 -12.88
N ALA B 164 -19.35 6.21 -12.64
CA ALA B 164 -18.58 6.81 -11.53
C ALA B 164 -18.63 8.34 -11.64
N LEU B 165 -18.79 8.89 -12.85
CA LEU B 165 -18.92 10.35 -13.10
C LEU B 165 -20.34 10.83 -12.78
N LYS B 166 -21.36 10.07 -13.21
CA LYS B 166 -22.79 10.32 -12.87
C LYS B 166 -22.95 10.28 -11.34
N ASP B 167 -22.57 9.15 -10.72
CA ASP B 167 -22.63 8.94 -9.26
C ASP B 167 -21.91 10.09 -8.53
N GLY B 168 -20.67 10.38 -8.92
CA GLY B 168 -19.88 11.46 -8.29
C GLY B 168 -19.36 11.04 -6.91
N PRO B 169 -18.83 11.99 -6.11
CA PRO B 169 -18.04 11.68 -4.91
C PRO B 169 -18.80 10.88 -3.85
N SER B 170 -20.05 11.25 -3.54
CA SER B 170 -21.00 10.37 -2.79
C SER B 170 -21.38 9.22 -3.73
N VAL B 174 -16.53 8.94 -8.56
CA VAL B 174 -15.30 9.78 -8.67
C VAL B 174 -15.72 11.19 -9.07
N ALA B 175 -14.89 12.18 -8.72
CA ALA B 175 -15.09 13.61 -9.07
C ALA B 175 -14.58 13.87 -10.48
N ALA B 176 -13.58 13.09 -10.90
CA ALA B 176 -12.94 13.14 -12.24
C ALA B 176 -12.22 11.82 -12.53
N ILE B 177 -11.77 11.65 -13.78
CA ILE B 177 -10.97 10.51 -14.27
C ILE B 177 -9.69 11.07 -14.88
N VAL B 178 -8.55 10.40 -14.64
CA VAL B 178 -7.28 10.69 -15.36
C VAL B 178 -7.01 9.53 -16.31
N ASP B 179 -6.79 9.83 -17.60
CA ASP B 179 -6.44 8.79 -18.60
C ASP B 179 -5.84 9.41 -19.87
N GLU B 180 -5.12 8.60 -20.63
CA GLU B 180 -4.50 8.99 -21.92
C GLU B 180 -5.58 9.43 -22.89
N ARG B 181 -5.28 10.42 -23.72
CA ARG B 181 -6.23 11.11 -24.63
C ARG B 181 -6.96 10.10 -25.52
N PRO B 182 -6.26 9.19 -26.25
CA PRO B 182 -6.93 8.32 -27.21
C PRO B 182 -8.16 7.62 -26.62
N TYR B 183 -8.01 6.97 -25.45
CA TYR B 183 -9.12 6.29 -24.73
C TYR B 183 -10.20 7.33 -24.42
N VAL B 184 -9.78 8.48 -23.88
CA VAL B 184 -10.68 9.60 -23.50
C VAL B 184 -11.46 10.06 -24.73
N GLU B 185 -10.80 10.26 -25.86
CA GLU B 185 -11.42 10.69 -27.15
C GLU B 185 -12.58 9.75 -27.49
N LEU B 186 -12.36 8.43 -27.48
CA LEU B 186 -13.42 7.44 -27.77
C LEU B 186 -14.54 7.59 -26.75
N PHE B 187 -14.20 7.60 -25.45
CA PHE B 187 -15.17 7.72 -24.33
C PHE B 187 -16.09 8.92 -24.57
N LEU B 188 -15.54 10.05 -24.98
CA LEU B 188 -16.29 11.33 -25.14
C LEU B 188 -17.18 11.27 -26.38
N SER B 189 -16.79 10.53 -27.42
CA SER B 189 -17.65 10.29 -28.63
C SER B 189 -19.04 9.86 -28.17
N SER B 190 -19.10 8.98 -27.18
CA SER B 190 -20.32 8.28 -26.72
C SER B 190 -20.88 8.96 -25.47
N ASN B 191 -20.16 9.92 -24.89
CA ASN B 191 -20.55 10.63 -23.64
C ASN B 191 -20.11 12.09 -23.74
N CYS B 192 -20.75 12.88 -24.61
CA CYS B 192 -20.37 14.29 -24.91
C CYS B 192 -20.66 15.20 -23.70
N ALA B 193 -21.45 14.75 -22.73
CA ALA B 193 -21.82 15.50 -21.51
C ALA B 193 -20.60 15.90 -20.68
N TYR B 194 -19.47 15.22 -20.85
CA TYR B 194 -18.22 15.48 -20.07
C TYR B 194 -17.20 16.16 -20.96
N GLU B 200 -3.45 18.65 -22.07
CA GLU B 200 -2.55 17.48 -21.93
C GLU B 200 -1.42 17.89 -20.98
N PHE B 201 -1.03 17.06 -20.02
CA PHE B 201 0.05 17.36 -19.06
C PHE B 201 1.08 16.22 -18.97
N THR B 202 1.06 15.26 -19.90
CA THR B 202 2.20 14.36 -20.24
C THR B 202 2.28 14.29 -21.77
N LYS B 203 3.43 13.95 -22.33
CA LYS B 203 3.64 13.85 -23.80
C LYS B 203 3.99 12.41 -24.17
N SER B 204 3.85 11.47 -23.23
CA SER B 204 4.11 10.02 -23.44
C SER B 204 3.27 9.54 -24.62
N GLY B 205 3.90 9.11 -25.72
CA GLY B 205 3.25 8.52 -26.91
C GLY B 205 3.21 7.01 -26.84
N TRP B 206 2.61 6.34 -27.83
CA TRP B 206 2.58 4.84 -27.94
C TRP B 206 3.70 4.37 -28.87
N GLY B 207 4.28 3.21 -28.58
CA GLY B 207 5.35 2.58 -29.40
C GLY B 207 5.34 1.07 -29.25
N PHE B 208 6.14 0.37 -30.07
CA PHE B 208 6.34 -1.10 -29.97
C PHE B 208 7.64 -1.35 -29.22
N ALA B 209 7.56 -2.20 -28.19
CA ALA B 209 8.66 -2.50 -27.25
C ALA B 209 9.46 -3.70 -27.79
N PHE B 210 10.78 -3.64 -27.63
CA PHE B 210 11.74 -4.68 -28.08
C PHE B 210 12.93 -4.77 -27.14
N PRO B 211 13.61 -5.94 -27.09
CA PRO B 211 14.77 -6.10 -26.22
C PRO B 211 15.80 -5.01 -26.51
N ARG B 212 16.55 -4.62 -25.48
CA ARG B 212 17.66 -3.63 -25.56
C ARG B 212 18.52 -3.97 -26.78
N ASP B 213 18.79 -2.97 -27.64
CA ASP B 213 19.74 -3.04 -28.79
C ASP B 213 19.12 -3.85 -29.93
N SER B 214 17.81 -3.73 -30.16
CA SER B 214 17.14 -4.47 -31.26
C SER B 214 17.26 -3.68 -32.56
N PRO B 215 17.97 -4.19 -33.60
CA PRO B 215 17.98 -3.52 -34.91
C PRO B 215 16.56 -3.36 -35.46
N LEU B 216 15.68 -4.29 -35.08
CA LEU B 216 14.22 -4.28 -35.37
C LEU B 216 13.62 -2.94 -34.93
N ALA B 217 13.91 -2.50 -33.70
CA ALA B 217 13.34 -1.28 -33.08
C ALA B 217 13.63 -0.07 -33.97
N ILE B 218 14.87 0.05 -34.47
CA ILE B 218 15.34 1.20 -35.30
C ILE B 218 14.72 1.07 -36.69
N ASP B 219 14.76 -0.11 -37.28
CA ASP B 219 14.27 -0.36 -38.67
C ASP B 219 12.77 -0.09 -38.74
N LEU B 220 12.03 -0.37 -37.66
CA LEU B 220 10.56 -0.13 -37.60
C LEU B 220 10.31 1.37 -37.40
N SER B 221 11.08 2.02 -36.53
CA SER B 221 11.03 3.49 -36.32
C SER B 221 11.07 4.21 -37.69
N THR B 222 11.95 3.77 -38.59
CA THR B 222 12.10 4.34 -39.97
C THR B 222 10.86 3.96 -40.78
N ALA B 223 10.42 2.70 -40.70
CA ALA B 223 9.20 2.19 -41.37
C ALA B 223 8.00 3.06 -40.97
N ILE B 224 7.79 3.19 -39.66
CA ILE B 224 6.65 3.95 -39.04
C ILE B 224 6.69 5.37 -39.58
N LEU B 225 7.89 5.95 -39.71
CA LEU B 225 8.13 7.32 -40.20
C LEU B 225 7.67 7.40 -41.65
N GLU B 226 8.09 6.44 -42.50
CA GLU B 226 7.70 6.40 -43.94
C GLU B 226 6.17 6.42 -44.06
N LEU B 227 5.47 5.65 -43.22
CA LEU B 227 3.97 5.60 -43.25
C LEU B 227 3.38 6.91 -42.75
N ALA B 228 4.04 7.59 -41.82
CA ALA B 228 3.62 8.92 -41.31
C ALA B 228 3.88 9.95 -42.42
N GLU B 229 5.09 9.93 -43.02
CA GLU B 229 5.54 10.83 -44.11
C GLU B 229 4.52 10.77 -45.27
N ASN B 230 4.19 9.56 -45.72
CA ASN B 230 3.32 9.33 -46.91
C ASN B 230 1.84 9.35 -46.49
N GLY B 231 1.52 9.76 -45.26
CA GLY B 231 0.14 10.01 -44.78
C GLY B 231 -0.72 8.76 -44.63
N ASP B 232 -0.11 7.57 -44.62
CA ASP B 232 -0.82 6.26 -44.46
C ASP B 232 -1.25 6.04 -42.99
N LEU B 233 -0.52 6.60 -42.03
CA LEU B 233 -0.82 6.42 -40.59
C LEU B 233 -2.19 7.03 -40.29
N GLN B 234 -2.47 8.23 -40.82
CA GLN B 234 -3.76 8.95 -40.64
C GLN B 234 -4.88 8.18 -41.33
N ARG B 235 -4.54 7.39 -42.35
CA ARG B 235 -5.50 6.54 -43.08
C ARG B 235 -6.00 5.39 -42.18
N ILE B 236 -5.07 4.63 -41.60
CA ILE B 236 -5.36 3.51 -40.65
C ILE B 236 -6.07 4.11 -39.43
N HIS B 237 -5.60 5.26 -38.91
CA HIS B 237 -6.28 5.97 -37.80
C HIS B 237 -7.75 6.12 -38.16
N ASP B 238 -8.01 6.77 -39.30
CA ASP B 238 -9.38 7.12 -39.78
C ASP B 238 -10.24 5.86 -39.85
N LYS B 239 -9.62 4.72 -40.19
CA LYS B 239 -10.34 3.45 -40.46
C LYS B 239 -10.81 2.78 -39.17
N TRP B 240 -10.13 3.02 -38.04
CA TRP B 240 -10.46 2.37 -36.75
C TRP B 240 -11.08 3.39 -35.79
N LEU B 241 -10.63 4.65 -35.84
CA LEU B 241 -10.94 5.71 -34.85
C LEU B 241 -11.54 6.89 -35.63
N MET B 242 -12.86 7.03 -35.55
CA MET B 242 -13.64 8.14 -36.16
C MET B 242 -15.05 8.16 -35.53
N CYS B 246 -18.34 14.92 -31.37
CA CYS B 246 -19.44 15.48 -30.52
C CYS B 246 -20.08 16.68 -31.24
N GLU C 6 -23.62 -6.84 25.27
CA GLU C 6 -22.44 -6.01 24.88
C GLU C 6 -22.83 -4.53 24.87
N LEU C 7 -21.83 -3.63 24.84
CA LEU C 7 -21.97 -2.17 25.08
C LEU C 7 -22.06 -1.43 23.76
N LYS C 8 -23.14 -0.68 23.56
CA LYS C 8 -23.28 0.29 22.46
C LYS C 8 -22.48 1.54 22.85
N ILE C 9 -21.29 1.71 22.26
CA ILE C 9 -20.40 2.88 22.50
C ILE C 9 -20.51 3.84 21.31
N GLY C 10 -21.04 5.05 21.56
CA GLY C 10 -21.12 6.13 20.56
C GLY C 10 -19.73 6.62 20.20
N VAL C 11 -19.46 6.83 18.92
CA VAL C 11 -18.15 7.32 18.43
C VAL C 11 -18.39 8.50 17.48
N PRO C 12 -17.72 9.66 17.70
CA PRO C 12 -17.93 10.81 16.85
C PRO C 12 -17.45 10.51 15.43
N LEU C 13 -18.27 10.88 14.45
CA LEU C 13 -17.99 10.72 12.99
C LEU C 13 -17.38 12.04 12.47
N ARG C 14 -16.10 12.23 12.80
CA ARG C 14 -15.28 13.44 12.49
C ARG C 14 -15.07 13.55 10.98
N VAL C 15 -15.25 14.75 10.43
CA VAL C 15 -15.03 15.07 8.99
C VAL C 15 -13.68 15.75 8.81
N SER C 16 -13.03 16.19 9.90
CA SER C 16 -11.65 16.75 9.92
C SER C 16 -10.84 16.12 11.06
N TYR C 17 -9.53 16.36 11.09
CA TYR C 17 -8.60 15.94 12.18
C TYR C 17 -8.88 14.48 12.60
N LYS C 18 -8.82 13.59 11.62
CA LYS C 18 -9.19 12.16 11.76
C LYS C 18 -8.06 11.36 12.45
N GLU C 19 -6.93 12.00 12.74
CA GLU C 19 -5.78 11.34 13.45
C GLU C 19 -6.24 10.93 14.86
N PHE C 20 -7.26 11.61 15.39
CA PHE C 20 -7.82 11.39 16.75
C PHE C 20 -8.83 10.24 16.72
N VAL C 21 -9.82 10.36 15.83
CA VAL C 21 -10.90 9.37 15.57
C VAL C 21 -11.22 9.33 14.07
N SER C 22 -11.30 8.15 13.46
CA SER C 22 -11.66 7.94 12.03
C SER C 22 -12.23 6.53 11.81
N GLN C 23 -13.35 6.42 11.10
CA GLN C 23 -13.96 5.10 10.74
C GLN C 23 -13.02 4.41 9.76
N ILE C 24 -12.79 3.10 9.91
CA ILE C 24 -11.83 2.35 9.03
C ILE C 24 -12.50 2.15 7.68
N ARG C 25 -11.78 2.37 6.58
CA ARG C 25 -12.24 2.07 5.21
C ARG C 25 -12.46 0.54 5.12
N GLY C 26 -13.63 0.13 4.59
CA GLY C 26 -13.96 -1.30 4.36
C GLY C 26 -14.59 -1.95 5.56
N THR C 27 -14.97 -1.17 6.58
CA THR C 27 -15.70 -1.61 7.80
C THR C 27 -16.91 -0.70 8.01
N GLU C 28 -17.78 -1.02 8.97
CA GLU C 28 -18.98 -0.21 9.27
C GLU C 28 -18.96 0.29 10.71
N ASN C 29 -18.59 -0.55 11.67
CA ASN C 29 -18.61 -0.19 13.13
C ASN C 29 -17.17 -0.20 13.68
N MET C 30 -16.16 -0.08 12.83
CA MET C 30 -14.75 -0.17 13.27
C MET C 30 -14.04 1.17 13.01
N PHE C 31 -13.28 1.61 14.00
CA PHE C 31 -12.60 2.92 14.03
C PHE C 31 -11.12 2.72 14.42
N LYS C 32 -10.28 3.66 14.00
CA LYS C 32 -8.87 3.79 14.40
C LYS C 32 -8.62 5.26 14.72
N GLY C 33 -7.47 5.57 15.33
CA GLY C 33 -7.09 6.94 15.72
C GLY C 33 -6.48 6.96 17.11
N PHE C 34 -5.89 8.10 17.49
CA PHE C 34 -5.21 8.30 18.79
C PHE C 34 -6.12 7.85 19.94
N CYS C 35 -7.38 8.29 19.91
CA CYS C 35 -8.37 8.09 21.01
C CYS C 35 -8.75 6.61 21.12
N ILE C 36 -8.96 5.96 19.98
CA ILE C 36 -9.35 4.53 19.93
C ILE C 36 -8.21 3.74 20.55
N ASP C 37 -6.97 3.98 20.09
CA ASP C 37 -5.76 3.20 20.51
C ASP C 37 -5.56 3.33 22.02
N VAL C 38 -5.73 4.54 22.56
CA VAL C 38 -5.72 4.78 24.03
C VAL C 38 -6.77 3.88 24.67
N PHE C 39 -8.01 3.97 24.19
CA PHE C 39 -9.18 3.24 24.73
C PHE C 39 -8.92 1.73 24.69
N THR C 40 -8.38 1.22 23.59
CA THR C 40 -8.06 -0.22 23.39
C THR C 40 -7.04 -0.64 24.44
N ALA C 41 -5.87 0.01 24.47
CA ALA C 41 -4.79 -0.21 25.45
C ALA C 41 -5.40 -0.29 26.85
N ALA C 42 -6.27 0.68 27.18
CA ALA C 42 -6.92 0.84 28.51
C ALA C 42 -7.76 -0.39 28.84
N VAL C 43 -8.58 -0.83 27.89
CA VAL C 43 -9.50 -2.00 28.05
C VAL C 43 -8.66 -3.27 28.29
N ASN C 44 -7.46 -3.35 27.69
CA ASN C 44 -6.59 -4.56 27.76
C ASN C 44 -6.14 -4.79 29.20
N LEU C 45 -5.91 -3.71 29.96
CA LEU C 45 -5.44 -3.79 31.37
C LEU C 45 -6.59 -4.23 32.28
N LEU C 46 -7.83 -4.19 31.81
CA LEU C 46 -9.01 -4.60 32.62
C LEU C 46 -8.96 -6.11 32.88
N PRO C 47 -9.45 -6.54 34.06
CA PRO C 47 -9.49 -7.97 34.40
C PRO C 47 -10.57 -8.75 33.65
N TYR C 48 -11.57 -8.08 33.07
CA TYR C 48 -12.74 -8.75 32.44
C TYR C 48 -12.81 -8.42 30.94
N ALA C 49 -13.72 -9.11 30.25
CA ALA C 49 -14.05 -8.92 28.82
C ALA C 49 -15.03 -7.76 28.67
N VAL C 50 -14.85 -6.95 27.62
CA VAL C 50 -15.72 -5.79 27.29
C VAL C 50 -16.12 -5.88 25.83
N PRO C 51 -17.23 -6.58 25.49
CA PRO C 51 -17.75 -6.55 24.13
C PRO C 51 -18.34 -5.16 23.82
N VAL C 52 -17.92 -4.54 22.71
CA VAL C 52 -18.47 -3.22 22.29
C VAL C 52 -19.05 -3.37 20.88
N LYS C 53 -20.09 -2.58 20.61
CA LYS C 53 -20.44 -2.11 19.26
C LYS C 53 -20.17 -0.61 19.23
N PHE C 54 -19.11 -0.17 18.55
CA PHE C 54 -18.95 1.25 18.15
C PHE C 54 -20.13 1.62 17.24
N ILE C 55 -20.81 2.71 17.57
CA ILE C 55 -21.88 3.29 16.72
C ILE C 55 -21.41 4.66 16.27
N PRO C 56 -21.34 4.93 14.95
CA PRO C 56 -20.96 6.26 14.49
C PRO C 56 -22.08 7.22 14.87
N TYR C 57 -21.71 8.38 15.42
CA TYR C 57 -22.63 9.50 15.70
C TYR C 57 -22.17 10.65 14.81
N GLY C 58 -23.09 11.17 13.99
CA GLY C 58 -22.79 12.18 12.97
C GLY C 58 -23.44 11.80 11.65
N ASN C 59 -23.75 12.83 10.85
CA ASN C 59 -24.36 12.73 9.50
C ASN C 59 -23.27 12.49 8.44
N GLY C 60 -21.99 12.55 8.81
CA GLY C 60 -20.86 12.29 7.89
C GLY C 60 -20.51 13.51 7.06
N LYS C 61 -21.35 14.54 7.01
CA LYS C 61 -21.10 15.80 6.27
C LYS C 61 -20.33 16.78 7.16
N GLU C 62 -20.85 17.09 8.36
CA GLU C 62 -20.23 18.01 9.35
C GLU C 62 -19.96 17.27 10.67
N ASN C 63 -18.94 17.72 11.42
CA ASN C 63 -18.63 17.20 12.77
C ASN C 63 -19.91 17.30 13.60
N PRO C 64 -20.25 16.26 14.37
CA PRO C 64 -21.44 16.30 15.22
C PRO C 64 -21.26 17.22 16.45
N SER C 65 -22.37 17.62 17.09
CA SER C 65 -22.37 18.28 18.42
C SER C 65 -21.96 17.23 19.46
N TYR C 66 -20.79 17.39 20.07
CA TYR C 66 -20.25 16.43 21.06
C TYR C 66 -21.14 16.45 22.30
N THR C 67 -21.79 17.57 22.61
CA THR C 67 -22.69 17.68 23.79
C THR C 67 -23.92 16.81 23.56
N HIS C 68 -24.55 16.89 22.39
CA HIS C 68 -25.72 16.04 22.02
C HIS C 68 -25.31 14.57 22.04
N MET C 69 -24.15 14.25 21.46
CA MET C 69 -23.57 12.88 21.42
C MET C 69 -23.58 12.33 22.85
N VAL C 70 -23.04 13.10 23.80
CA VAL C 70 -22.95 12.73 25.24
C VAL C 70 -24.37 12.49 25.78
N GLU C 71 -25.32 13.37 25.44
CA GLU C 71 -26.72 13.32 25.95
C GLU C 71 -27.35 11.97 25.63
N MET C 72 -26.94 11.33 24.53
CA MET C 72 -27.46 10.02 24.08
C MET C 72 -27.20 8.93 25.13
N ILE C 73 -26.17 9.10 25.96
CA ILE C 73 -25.90 8.22 27.13
C ILE C 73 -27.10 8.31 28.08
N THR C 74 -27.52 9.53 28.39
CA THR C 74 -28.59 9.85 29.39
C THR C 74 -29.96 9.39 28.87
N THR C 75 -30.20 9.44 27.56
CA THR C 75 -31.45 8.94 26.91
C THR C 75 -31.40 7.41 26.78
N GLY C 76 -30.29 6.79 27.20
CA GLY C 76 -30.12 5.33 27.24
C GLY C 76 -29.83 4.74 25.87
N ASN C 77 -29.53 5.58 24.87
CA ASN C 77 -29.26 5.16 23.46
C ASN C 77 -27.82 4.62 23.34
N PHE C 78 -26.87 5.19 24.08
CA PHE C 78 -25.47 4.68 24.21
C PHE C 78 -25.21 4.28 25.66
N ASP C 79 -24.45 3.20 25.85
CA ASP C 79 -23.93 2.76 27.17
C ASP C 79 -22.69 3.60 27.51
N GLY C 80 -22.15 4.32 26.54
CA GLY C 80 -20.97 5.19 26.71
C GLY C 80 -20.61 5.92 25.44
N VAL C 81 -19.65 6.84 25.51
CA VAL C 81 -19.08 7.56 24.34
C VAL C 81 -17.55 7.55 24.43
N VAL C 82 -16.90 7.12 23.36
CA VAL C 82 -15.42 7.15 23.21
C VAL C 82 -15.08 8.05 22.02
N GLY C 83 -14.19 9.01 22.25
CA GLY C 83 -13.75 10.00 21.25
C GLY C 83 -12.90 11.09 21.86
N ASP C 84 -12.73 12.18 21.11
CA ASP C 84 -11.96 13.39 21.51
C ASP C 84 -12.91 14.34 22.24
N VAL C 85 -13.41 13.93 23.41
CA VAL C 85 -14.54 14.62 24.13
C VAL C 85 -13.97 15.46 25.28
N ALA C 86 -14.13 16.78 25.20
CA ALA C 86 -13.73 17.72 26.28
C ALA C 86 -14.57 17.44 27.53
N ILE C 87 -13.92 17.28 28.68
CA ILE C 87 -14.59 17.13 30.01
C ILE C 87 -15.00 18.52 30.50
N VAL C 88 -16.22 18.95 30.19
CA VAL C 88 -16.70 20.33 30.47
C VAL C 88 -17.93 20.25 31.37
N THR C 89 -18.27 21.35 32.03
CA THR C 89 -19.13 21.40 33.25
C THR C 89 -20.54 20.89 32.92
N ASN C 90 -21.15 21.41 31.86
CA ASN C 90 -22.56 21.08 31.49
C ASN C 90 -22.64 19.60 31.08
N ARG C 91 -21.57 19.02 30.51
CA ARG C 91 -21.51 17.57 30.15
C ARG C 91 -21.35 16.75 31.44
N THR C 92 -20.44 17.13 32.36
CA THR C 92 -20.17 16.40 33.62
C THR C 92 -21.43 16.37 34.49
N LYS C 93 -22.31 17.37 34.34
CA LYS C 93 -23.60 17.46 35.07
C LYS C 93 -24.43 16.19 34.83
N ILE C 94 -24.37 15.60 33.65
CA ILE C 94 -25.35 14.57 33.18
C ILE C 94 -24.70 13.18 33.07
N VAL C 95 -23.36 13.08 32.93
CA VAL C 95 -22.62 11.80 32.77
C VAL C 95 -21.36 11.83 33.64
N ASP C 96 -20.65 10.70 33.67
CA ASP C 96 -19.33 10.54 34.33
C ASP C 96 -18.26 10.28 33.29
N PHE C 97 -17.31 11.20 33.18
CA PHE C 97 -16.07 11.04 32.38
C PHE C 97 -15.07 10.19 33.15
N THR C 98 -14.20 9.50 32.40
CA THR C 98 -13.00 8.84 32.94
C THR C 98 -12.01 9.91 33.38
N GLN C 99 -10.84 9.49 33.85
CA GLN C 99 -9.65 10.36 34.03
C GLN C 99 -9.33 10.97 32.66
N PRO C 100 -8.83 12.23 32.58
CA PRO C 100 -8.41 12.80 31.30
C PRO C 100 -7.18 12.03 30.78
N TYR C 101 -7.31 11.43 29.59
CA TYR C 101 -6.25 10.64 28.91
C TYR C 101 -5.41 11.57 28.04
N ALA C 102 -5.85 12.81 27.83
CA ALA C 102 -5.20 13.78 26.92
C ALA C 102 -5.46 15.18 27.44
N ALA C 103 -4.39 15.97 27.59
CA ALA C 103 -4.44 17.40 27.96
C ALA C 103 -4.89 18.19 26.73
N SER C 104 -5.80 19.12 26.96
CA SER C 104 -6.37 20.03 25.96
C SER C 104 -6.56 21.39 26.64
N GLY C 105 -7.04 22.38 25.92
CA GLY C 105 -7.15 23.74 26.45
C GLY C 105 -7.30 24.72 25.33
N LEU C 106 -8.23 25.66 25.46
CA LEU C 106 -8.56 26.63 24.39
C LEU C 106 -7.39 27.58 24.22
N VAL C 107 -7.15 27.97 22.97
CA VAL C 107 -6.07 28.92 22.59
C VAL C 107 -6.62 29.79 21.47
N VAL C 108 -5.96 30.94 21.27
CA VAL C 108 -6.26 31.88 20.16
C VAL C 108 -5.23 31.64 19.06
N VAL C 109 -5.71 31.42 17.83
CA VAL C 109 -4.88 31.24 16.61
C VAL C 109 -5.17 32.44 15.72
N ALA C 110 -4.14 33.17 15.31
CA ALA C 110 -4.30 34.43 14.56
C ALA C 110 -3.18 34.57 13.55
N PRO C 111 -3.36 35.44 12.53
CA PRO C 111 -2.28 35.78 11.61
C PRO C 111 -1.10 36.40 12.38
N GLY C 112 0.10 36.21 11.84
CA GLY C 112 1.39 36.58 12.48
C GLY C 112 1.39 37.94 13.14
N GLY C 113 1.01 39.02 12.42
CA GLY C 113 1.27 40.39 12.84
C GLY C 113 0.03 41.16 13.26
N THR C 114 -1.05 40.50 13.68
CA THR C 114 -2.33 41.17 14.01
C THR C 114 -2.19 41.91 15.34
N PRO C 115 -3.07 42.89 15.61
CA PRO C 115 -3.14 43.51 16.93
C PRO C 115 -3.68 42.58 18.02
N ILE C 116 -4.25 41.43 17.64
CA ILE C 116 -4.78 40.39 18.57
C ILE C 116 -3.57 39.63 19.13
N LYS C 117 -3.39 39.72 20.45
CA LYS C 117 -2.20 39.22 21.18
C LYS C 117 -2.58 38.07 22.14
N GLY C 118 -3.86 37.95 22.48
CA GLY C 118 -4.38 36.87 23.34
C GLY C 118 -5.88 36.92 23.42
N ILE C 119 -6.47 36.04 24.23
CA ILE C 119 -7.95 35.96 24.43
C ILE C 119 -8.44 37.33 24.92
N GLU C 120 -7.69 37.97 25.81
CA GLU C 120 -8.09 39.22 26.50
C GLU C 120 -8.30 40.33 25.46
N SER C 121 -7.37 40.52 24.52
CA SER C 121 -7.39 41.61 23.52
C SER C 121 -8.47 41.31 22.47
N LEU C 122 -8.80 40.03 22.27
CA LEU C 122 -9.88 39.57 21.36
C LEU C 122 -11.26 39.89 21.95
N ARG C 123 -11.41 39.76 23.27
CA ARG C 123 -12.69 40.04 23.99
C ARG C 123 -13.09 41.51 23.81
N GLU C 124 -12.15 42.43 23.98
CA GLU C 124 -12.37 43.90 24.01
C GLU C 124 -12.65 44.44 22.60
N ARG C 125 -12.22 43.73 21.56
CA ARG C 125 -12.43 44.14 20.14
C ARG C 125 -13.89 43.85 19.76
N ASP C 126 -14.28 44.19 18.51
CA ASP C 126 -15.63 43.97 17.94
C ASP C 126 -15.60 42.89 16.85
N ASP C 127 -14.42 42.39 16.47
CA ASP C 127 -14.19 41.62 15.23
C ASP C 127 -14.61 40.16 15.41
N PRO C 128 -14.97 39.46 14.30
CA PRO C 128 -15.50 38.10 14.38
C PRO C 128 -14.47 37.05 14.84
N ILE C 129 -14.95 35.98 15.48
CA ILE C 129 -14.13 34.86 16.00
C ILE C 129 -14.59 33.56 15.34
N GLY C 130 -13.66 32.76 14.84
CA GLY C 130 -13.91 31.39 14.36
C GLY C 130 -13.98 30.42 15.52
N TYR C 131 -14.80 29.38 15.41
CA TYR C 131 -14.80 28.20 16.32
C TYR C 131 -15.12 26.94 15.50
N GLN C 132 -14.73 25.77 16.01
CA GLN C 132 -14.94 24.47 15.32
C GLN C 132 -16.42 24.06 15.45
N VAL C 133 -17.02 23.62 14.35
CA VAL C 133 -18.45 23.19 14.32
C VAL C 133 -18.55 21.91 15.17
N GLY C 134 -19.38 21.96 16.21
CA GLY C 134 -19.64 20.82 17.12
C GLY C 134 -18.79 20.88 18.37
N SER C 135 -17.95 21.90 18.53
CA SER C 135 -17.09 22.14 19.72
C SER C 135 -17.91 22.88 20.79
N PHE C 136 -17.64 22.58 22.06
CA PHE C 136 -18.21 23.28 23.24
C PHE C 136 -17.77 24.74 23.22
N ALA C 137 -16.65 25.01 22.54
CA ALA C 137 -16.01 26.34 22.41
C ALA C 137 -17.10 27.42 22.34
N GLU C 138 -18.05 27.28 21.40
CA GLU C 138 -19.16 28.24 21.18
C GLU C 138 -19.85 28.58 22.52
N SER C 139 -20.22 27.57 23.30
CA SER C 139 -20.92 27.70 24.62
C SER C 139 -20.08 28.55 25.58
N TYR C 140 -18.80 28.21 25.71
CA TYR C 140 -17.85 28.92 26.60
C TYR C 140 -17.79 30.40 26.22
N LEU C 141 -17.70 30.70 24.92
CA LEU C 141 -17.51 32.07 24.38
C LEU C 141 -18.72 32.94 24.71
N ARG C 142 -19.93 32.36 24.80
CA ARG C 142 -21.20 33.10 25.01
C ARG C 142 -21.48 33.30 26.49
N ASN C 143 -21.14 32.33 27.34
CA ASN C 143 -21.63 32.28 28.75
C ASN C 143 -20.56 32.81 29.70
N GLU C 144 -19.32 32.33 29.58
CA GLU C 144 -18.21 32.70 30.51
C GLU C 144 -17.57 34.01 30.06
N LEU C 145 -17.31 34.16 28.76
CA LEU C 145 -16.60 35.33 28.16
C LEU C 145 -17.62 36.30 27.57
N ASN C 146 -18.88 35.85 27.42
CA ASN C 146 -20.05 36.69 27.12
C ASN C 146 -19.83 37.47 25.83
N ILE C 147 -19.12 36.88 24.86
CA ILE C 147 -18.97 37.45 23.48
C ILE C 147 -20.31 37.28 22.78
N SER C 148 -20.71 38.31 22.02
CA SER C 148 -22.00 38.39 21.29
C SER C 148 -22.08 37.24 20.27
N GLU C 149 -23.24 36.58 20.16
CA GLU C 149 -23.48 35.45 19.23
C GLU C 149 -23.26 35.92 17.78
N SER C 150 -23.46 37.22 17.52
CA SER C 150 -23.33 37.84 16.18
C SER C 150 -21.86 37.90 15.75
N ARG C 151 -20.91 37.61 16.64
CA ARG C 151 -19.45 37.65 16.34
C ARG C 151 -18.93 36.25 16.03
N LEU C 152 -19.57 35.20 16.56
CA LEU C 152 -19.05 33.82 16.47
C LEU C 152 -19.38 33.26 15.08
N VAL C 153 -18.38 32.67 14.42
CA VAL C 153 -18.46 32.10 13.04
C VAL C 153 -18.08 30.62 13.10
N PRO C 154 -19.01 29.69 12.77
CA PRO C 154 -18.69 28.27 12.75
C PRO C 154 -17.76 27.96 11.56
N LEU C 155 -16.85 26.98 11.74
CA LEU C 155 -15.88 26.54 10.69
C LEU C 155 -15.66 25.02 10.81
N GLY C 156 -15.92 24.26 9.75
CA GLY C 156 -16.04 22.78 9.82
C GLY C 156 -14.70 22.06 9.71
N THR C 157 -13.79 22.59 8.89
CA THR C 157 -12.53 21.92 8.47
C THR C 157 -11.35 22.86 8.66
N PRO C 158 -10.09 22.36 8.64
CA PRO C 158 -8.93 23.23 8.69
C PRO C 158 -8.80 24.13 7.44
N GLU C 159 -9.23 23.64 6.28
CA GLU C 159 -9.31 24.45 5.03
C GLU C 159 -10.21 25.67 5.31
N ALA C 160 -11.38 25.43 5.90
CA ALA C 160 -12.31 26.48 6.35
C ALA C 160 -11.60 27.46 7.28
N TYR C 161 -10.82 26.92 8.24
CA TYR C 161 -10.01 27.71 9.19
C TYR C 161 -9.14 28.68 8.39
N ALA C 162 -8.29 28.14 7.52
CA ALA C 162 -7.24 28.89 6.79
C ALA C 162 -7.86 29.98 5.89
N LYS C 163 -9.05 29.73 5.31
CA LYS C 163 -9.72 30.72 4.44
C LYS C 163 -10.15 31.93 5.28
N ALA C 164 -10.93 31.67 6.34
CA ALA C 164 -11.53 32.71 7.21
C ALA C 164 -10.43 33.57 7.83
N LEU C 165 -9.23 33.01 8.01
CA LEU C 165 -8.08 33.73 8.61
C LEU C 165 -7.38 34.57 7.54
N LYS C 166 -7.22 34.00 6.34
CA LYS C 166 -6.69 34.72 5.14
C LYS C 166 -7.60 35.90 4.84
N ASP C 167 -8.89 35.64 4.62
CA ASP C 167 -9.93 36.68 4.34
C ASP C 167 -9.88 37.76 5.43
N GLY C 168 -9.96 37.36 6.69
CA GLY C 168 -9.98 38.32 7.82
C GLY C 168 -11.33 39.01 7.95
N PRO C 169 -11.53 39.93 8.91
CA PRO C 169 -12.85 40.51 9.18
C PRO C 169 -13.44 41.29 8.00
N SER C 170 -12.61 42.10 7.34
CA SER C 170 -13.01 43.02 6.24
C SER C 170 -13.39 42.25 4.97
N LYS C 171 -13.29 40.91 4.95
CA LYS C 171 -13.67 40.06 3.78
C LYS C 171 -14.56 38.88 4.23
N GLY C 172 -15.49 39.16 5.14
CA GLY C 172 -16.43 38.16 5.71
C GLY C 172 -15.71 36.97 6.33
N GLY C 173 -14.49 37.16 6.83
CA GLY C 173 -13.71 36.13 7.55
C GLY C 173 -13.68 36.46 9.04
N VAL C 174 -12.72 35.87 9.76
CA VAL C 174 -12.52 36.05 11.23
C VAL C 174 -11.16 36.69 11.47
N ALA C 175 -11.03 37.39 12.59
CA ALA C 175 -9.77 38.04 13.07
C ALA C 175 -8.88 37.01 13.75
N ALA C 176 -9.50 35.99 14.34
CA ALA C 176 -8.84 34.86 15.03
C ALA C 176 -9.80 33.68 15.10
N ILE C 177 -9.25 32.53 15.46
CA ILE C 177 -10.02 31.28 15.78
C ILE C 177 -9.72 30.92 17.24
N VAL C 178 -10.75 30.50 17.97
CA VAL C 178 -10.59 29.86 19.30
C VAL C 178 -10.87 28.37 19.12
N ASP C 179 -9.91 27.55 19.49
CA ASP C 179 -10.11 26.09 19.42
C ASP C 179 -9.18 25.39 20.40
N GLU C 180 -9.40 24.11 20.65
CA GLU C 180 -8.55 23.35 21.57
C GLU C 180 -7.19 23.15 20.93
N ARG C 181 -6.15 23.08 21.72
CA ARG C 181 -4.78 22.99 21.17
C ARG C 181 -4.60 21.81 20.23
N PRO C 182 -4.94 20.57 20.59
CA PRO C 182 -4.64 19.43 19.74
C PRO C 182 -4.99 19.68 18.27
N TYR C 183 -6.22 20.12 18.00
CA TYR C 183 -6.72 20.44 16.64
C TYR C 183 -5.84 21.55 16.05
N VAL C 184 -5.61 22.58 16.84
CA VAL C 184 -4.80 23.77 16.45
C VAL C 184 -3.40 23.31 16.03
N GLU C 185 -2.77 22.44 16.84
CA GLU C 185 -1.41 21.91 16.57
C GLU C 185 -1.36 21.29 15.17
N LEU C 186 -2.30 20.40 14.85
CA LEU C 186 -2.36 19.76 13.51
C LEU C 186 -2.56 20.82 12.44
N PHE C 187 -3.53 21.73 12.62
CA PHE C 187 -3.84 22.82 11.67
C PHE C 187 -2.56 23.57 11.31
N LEU C 188 -1.73 23.89 12.30
CA LEU C 188 -0.53 24.76 12.12
C LEU C 188 0.56 23.98 11.37
N SER C 189 0.63 22.65 11.56
CA SER C 189 1.56 21.77 10.82
C SER C 189 1.51 22.10 9.33
N SER C 190 0.30 22.25 8.79
CA SER C 190 0.09 22.38 7.31
C SER C 190 -0.18 23.83 6.93
N ASN C 191 -0.23 24.74 7.91
CA ASN C 191 -0.56 26.17 7.69
C ASN C 191 0.34 27.02 8.57
N CYS C 192 1.56 27.22 8.08
CA CYS C 192 2.70 27.84 8.79
C CYS C 192 2.43 29.32 9.06
N ALA C 193 1.60 29.97 8.24
CA ALA C 193 1.36 31.43 8.25
C ALA C 193 0.81 31.89 9.62
N TYR C 194 0.19 30.99 10.38
CA TYR C 194 -0.55 31.29 11.62
C TYR C 194 0.22 30.76 12.81
N ARG C 195 -0.19 31.18 14.02
CA ARG C 195 0.55 30.92 15.29
C ARG C 195 -0.42 31.07 16.48
N ILE C 196 -0.14 30.38 17.59
CA ILE C 196 -0.93 30.50 18.85
C ILE C 196 -0.47 31.76 19.59
N VAL C 197 -1.30 32.81 19.57
CA VAL C 197 -1.05 34.08 20.32
C VAL C 197 -1.58 33.91 21.76
N GLY C 198 -0.87 34.53 22.72
CA GLY C 198 -1.16 34.38 24.16
C GLY C 198 -0.93 32.96 24.63
N GLN C 199 -1.52 32.62 25.78
CA GLN C 199 -1.36 31.33 26.48
C GLN C 199 -2.64 30.49 26.34
N GLU C 200 -2.59 29.23 26.75
CA GLU C 200 -3.81 28.40 27.02
C GLU C 200 -4.64 29.18 28.05
N PHE C 201 -5.96 29.22 27.90
CA PHE C 201 -6.85 29.90 28.89
C PHE C 201 -8.01 29.00 29.33
N THR C 202 -7.97 27.70 29.04
CA THR C 202 -8.76 26.65 29.73
C THR C 202 -7.82 25.47 29.97
N LYS C 203 -8.15 24.61 30.94
CA LYS C 203 -7.38 23.36 31.19
C LYS C 203 -8.28 22.15 30.97
N SER C 204 -9.43 22.35 30.33
CA SER C 204 -10.39 21.29 29.93
C SER C 204 -9.64 20.20 29.14
N GLY C 205 -9.54 18.99 29.69
CA GLY C 205 -8.91 17.85 29.02
C GLY C 205 -9.95 16.92 28.38
N TRP C 206 -9.47 15.87 27.69
CA TRP C 206 -10.32 14.85 27.04
C TRP C 206 -10.50 13.65 27.97
N GLY C 207 -11.68 13.03 27.91
CA GLY C 207 -12.02 11.81 28.65
C GLY C 207 -13.07 11.00 27.91
N PHE C 208 -13.33 9.78 28.37
CA PHE C 208 -14.40 8.89 27.85
C PHE C 208 -15.61 9.04 28.76
N ALA C 209 -16.79 9.26 28.16
CA ALA C 209 -18.06 9.55 28.87
C ALA C 209 -18.80 8.23 29.13
N PHE C 210 -19.40 8.10 30.32
CA PHE C 210 -20.18 6.92 30.76
C PHE C 210 -21.33 7.37 31.66
N PRO C 211 -22.40 6.56 31.80
CA PRO C 211 -23.52 6.93 32.66
C PRO C 211 -23.03 7.26 34.08
N ARG C 212 -23.69 8.20 34.76
CA ARG C 212 -23.29 8.63 36.12
C ARG C 212 -23.07 7.37 36.98
N ASP C 213 -21.94 7.30 37.70
CA ASP C 213 -21.60 6.27 38.71
C ASP C 213 -21.28 4.94 38.02
N SER C 214 -20.63 4.97 36.85
CA SER C 214 -20.38 3.78 36.00
C SER C 214 -19.15 3.04 36.50
N PRO C 215 -19.24 1.78 36.99
CA PRO C 215 -18.07 1.05 37.43
C PRO C 215 -17.00 0.97 36.32
N LEU C 216 -17.45 0.96 35.07
CA LEU C 216 -16.54 0.93 33.90
C LEU C 216 -15.67 2.20 33.92
N ALA C 217 -16.30 3.35 34.14
CA ALA C 217 -15.68 4.69 34.13
C ALA C 217 -14.52 4.73 35.13
N ILE C 218 -14.72 4.15 36.32
CA ILE C 218 -13.71 4.17 37.44
C ILE C 218 -12.58 3.21 37.06
N ASP C 219 -12.93 1.99 36.60
CA ASP C 219 -11.93 0.93 36.29
C ASP C 219 -11.02 1.42 35.16
N LEU C 220 -11.56 2.20 34.21
CA LEU C 220 -10.77 2.71 33.05
C LEU C 220 -9.89 3.89 33.51
N SER C 221 -10.44 4.77 34.35
CA SER C 221 -9.67 5.88 34.98
C SER C 221 -8.37 5.34 35.58
N THR C 222 -8.43 4.21 36.29
CA THR C 222 -7.26 3.56 36.93
C THR C 222 -6.35 3.01 35.82
N ALA C 223 -6.93 2.35 34.82
CA ALA C 223 -6.21 1.81 33.64
C ALA C 223 -5.40 2.95 33.00
N ILE C 224 -6.08 4.04 32.66
CA ILE C 224 -5.51 5.23 31.96
C ILE C 224 -4.32 5.76 32.77
N LEU C 225 -4.41 5.73 34.10
CA LEU C 225 -3.29 6.21 34.95
C LEU C 225 -2.09 5.27 34.79
N GLU C 226 -2.29 3.95 34.82
CA GLU C 226 -1.20 2.96 34.60
C GLU C 226 -0.50 3.22 33.25
N LEU C 227 -1.27 3.55 32.21
CA LEU C 227 -0.76 3.88 30.84
C LEU C 227 0.08 5.17 30.88
N ALA C 228 -0.31 6.12 31.73
CA ALA C 228 0.46 7.37 31.95
C ALA C 228 1.78 7.04 32.67
N GLU C 229 1.72 6.25 33.75
CA GLU C 229 2.88 5.76 34.56
C GLU C 229 3.91 5.10 33.63
N ASN C 230 3.47 4.15 32.80
CA ASN C 230 4.35 3.36 31.91
C ASN C 230 4.75 4.15 30.66
N GLY C 231 4.33 5.42 30.54
CA GLY C 231 4.67 6.32 29.40
C GLY C 231 4.09 5.86 28.06
N ASP C 232 3.08 4.97 28.11
CA ASP C 232 2.39 4.39 26.94
C ASP C 232 1.49 5.47 26.33
N LEU C 233 1.04 6.41 27.15
CA LEU C 233 0.23 7.57 26.68
C LEU C 233 1.06 8.39 25.69
N GLN C 234 2.30 8.73 26.05
CA GLN C 234 3.20 9.57 25.21
C GLN C 234 3.64 8.73 24.01
N ARG C 235 3.66 7.41 24.18
CA ARG C 235 4.03 6.46 23.10
C ARG C 235 2.97 6.49 21.99
N ILE C 236 1.70 6.31 22.37
CA ILE C 236 0.53 6.33 21.45
C ILE C 236 0.43 7.73 20.83
N HIS C 237 0.62 8.78 21.63
CA HIS C 237 0.65 10.17 21.12
C HIS C 237 1.65 10.24 19.96
N ASP C 238 2.90 9.83 20.23
CA ASP C 238 4.04 9.92 19.28
C ASP C 238 3.67 9.17 17.99
N LYS C 239 2.90 8.10 18.10
CA LYS C 239 2.60 7.18 16.97
C LYS C 239 1.52 7.78 16.04
N TRP C 240 0.67 8.72 16.50
CA TRP C 240 -0.45 9.27 15.69
C TRP C 240 -0.17 10.71 15.25
N LEU C 241 0.64 11.46 16.00
CA LEU C 241 0.78 12.93 15.80
C LEU C 241 2.24 13.29 15.45
N CYS C 246 6.54 22.55 9.38
CA CYS C 246 7.01 23.91 9.00
C CYS C 246 8.53 24.03 9.25
N GLU D 6 -7.90 -46.57 -18.06
CA GLU D 6 -7.83 -45.09 -17.83
C GLU D 6 -7.86 -44.80 -16.32
N LEU D 7 -7.43 -43.61 -15.90
CA LEU D 7 -7.40 -43.20 -14.48
C LEU D 7 -8.60 -42.31 -14.17
N LYS D 8 -9.40 -42.65 -13.17
CA LYS D 8 -10.39 -41.74 -12.55
C LYS D 8 -9.63 -40.77 -11.62
N ILE D 9 -9.42 -39.53 -12.06
CA ILE D 9 -8.73 -38.46 -11.28
C ILE D 9 -9.78 -37.50 -10.71
N GLY D 10 -9.90 -37.45 -9.38
CA GLY D 10 -10.80 -36.53 -8.68
C GLY D 10 -10.36 -35.10 -8.83
N VAL D 11 -11.28 -34.18 -9.12
CA VAL D 11 -10.97 -32.73 -9.28
C VAL D 11 -11.95 -31.92 -8.43
N PRO D 12 -11.45 -31.02 -7.57
CA PRO D 12 -12.33 -30.23 -6.71
C PRO D 12 -13.20 -29.32 -7.58
N LEU D 13 -14.50 -29.29 -7.25
CA LEU D 13 -15.53 -28.46 -7.93
C LEU D 13 -15.68 -27.13 -7.16
N ARG D 14 -14.68 -26.25 -7.38
CA ARG D 14 -14.51 -24.94 -6.72
C ARG D 14 -15.63 -24.00 -7.14
N VAL D 15 -16.24 -23.31 -6.16
CA VAL D 15 -17.31 -22.30 -6.39
C VAL D 15 -16.72 -20.88 -6.32
N SER D 16 -15.48 -20.73 -5.83
CA SER D 16 -14.73 -19.45 -5.78
C SER D 16 -13.29 -19.67 -6.25
N TYR D 17 -12.52 -18.59 -6.46
CA TYR D 17 -11.07 -18.61 -6.83
C TYR D 17 -10.82 -19.68 -7.90
N LYS D 18 -11.55 -19.53 -8.99
CA LYS D 18 -11.63 -20.51 -10.10
C LYS D 18 -10.35 -20.45 -10.96
N GLU D 19 -9.48 -19.45 -10.73
CA GLU D 19 -8.21 -19.27 -11.48
C GLU D 19 -7.31 -20.48 -11.24
N PHE D 20 -7.50 -21.19 -10.12
CA PHE D 20 -6.68 -22.38 -9.73
C PHE D 20 -7.25 -23.63 -10.40
N VAL D 21 -8.53 -23.90 -10.12
CA VAL D 21 -9.27 -25.08 -10.65
C VAL D 21 -10.72 -24.67 -10.87
N SER D 22 -11.28 -24.93 -12.06
CA SER D 22 -12.69 -24.61 -12.41
C SER D 22 -13.16 -25.55 -13.49
N GLN D 23 -14.35 -26.12 -13.32
CA GLN D 23 -15.07 -26.87 -14.38
C GLN D 23 -15.40 -25.87 -15.49
N ILE D 24 -15.21 -26.26 -16.75
CA ILE D 24 -15.49 -25.38 -17.93
C ILE D 24 -17.00 -25.28 -18.07
N ARG D 25 -17.54 -24.09 -18.35
CA ARG D 25 -19.01 -23.90 -18.47
C ARG D 25 -19.52 -24.72 -19.65
N GLY D 26 -20.58 -25.52 -19.44
CA GLY D 26 -21.22 -26.36 -20.49
C GLY D 26 -20.54 -27.70 -20.66
N THR D 27 -19.69 -28.10 -19.72
CA THR D 27 -19.03 -29.45 -19.67
C THR D 27 -19.24 -30.05 -18.28
N GLU D 28 -18.88 -31.33 -18.12
CA GLU D 28 -18.98 -32.03 -16.82
C GLU D 28 -17.59 -32.56 -16.40
N ASN D 29 -16.77 -33.03 -17.35
CA ASN D 29 -15.46 -33.68 -17.07
C ASN D 29 -14.31 -32.83 -17.59
N MET D 30 -14.57 -31.56 -17.94
CA MET D 30 -13.52 -30.68 -18.51
C MET D 30 -13.28 -29.51 -17.56
N PHE D 31 -12.00 -29.26 -17.30
CA PHE D 31 -11.52 -28.26 -16.31
C PHE D 31 -10.45 -27.38 -16.96
N LYS D 32 -10.35 -26.16 -16.46
CA LYS D 32 -9.25 -25.21 -16.73
C LYS D 32 -8.78 -24.62 -15.41
N GLY D 33 -7.62 -23.99 -15.43
CA GLY D 33 -7.06 -23.30 -14.25
C GLY D 33 -5.58 -23.58 -14.11
N PHE D 34 -4.94 -22.85 -13.19
CA PHE D 34 -3.48 -22.92 -12.92
C PHE D 34 -3.07 -24.39 -12.70
N CYS D 35 -3.84 -25.10 -11.87
CA CYS D 35 -3.49 -26.47 -11.39
C CYS D 35 -3.64 -27.46 -12.54
N ILE D 36 -4.69 -27.32 -13.34
CA ILE D 36 -4.93 -28.22 -14.51
C ILE D 36 -3.73 -28.07 -15.46
N ASP D 37 -3.40 -26.83 -15.81
CA ASP D 37 -2.36 -26.49 -16.82
C ASP D 37 -1.01 -27.02 -16.36
N VAL D 38 -0.68 -26.86 -15.07
CA VAL D 38 0.54 -27.47 -14.46
C VAL D 38 0.48 -28.98 -14.71
N PHE D 39 -0.62 -29.62 -14.30
CA PHE D 39 -0.80 -31.09 -14.40
C PHE D 39 -0.63 -31.56 -15.84
N THR D 40 -1.24 -30.86 -16.80
CA THR D 40 -1.17 -31.17 -18.25
C THR D 40 0.30 -31.11 -18.70
N ALA D 41 0.93 -29.95 -18.54
CA ALA D 41 2.35 -29.71 -18.87
C ALA D 41 3.20 -30.85 -18.32
N ALA D 42 2.96 -31.22 -17.06
CA ALA D 42 3.71 -32.24 -16.30
C ALA D 42 3.59 -33.59 -16.99
N VAL D 43 2.37 -33.99 -17.33
CA VAL D 43 2.07 -35.30 -17.97
C VAL D 43 2.78 -35.37 -19.33
N ASN D 44 2.91 -34.23 -20.02
CA ASN D 44 3.45 -34.19 -21.41
C ASN D 44 4.94 -34.58 -21.40
N LEU D 45 5.66 -34.22 -20.33
CA LEU D 45 7.11 -34.51 -20.19
C LEU D 45 7.31 -35.99 -19.89
N LEU D 46 6.25 -36.71 -19.51
CA LEU D 46 6.36 -38.18 -19.24
C LEU D 46 6.65 -38.92 -20.55
N PRO D 47 7.44 -40.01 -20.49
CA PRO D 47 7.78 -40.78 -21.67
C PRO D 47 6.63 -41.64 -22.19
N TYR D 48 5.60 -41.88 -21.37
CA TYR D 48 4.46 -42.78 -21.69
C TYR D 48 3.14 -41.99 -21.72
N ALA D 49 2.08 -42.66 -22.16
CA ALA D 49 0.70 -42.14 -22.27
C ALA D 49 0.00 -42.31 -20.92
N VAL D 50 -0.78 -41.31 -20.50
CA VAL D 50 -1.59 -41.34 -19.23
C VAL D 50 -3.03 -40.94 -19.55
N PRO D 51 -3.91 -41.89 -19.95
CA PRO D 51 -5.32 -41.56 -20.13
C PRO D 51 -6.01 -41.30 -18.78
N VAL D 52 -6.66 -40.15 -18.61
CA VAL D 52 -7.36 -39.77 -17.36
C VAL D 52 -8.80 -39.41 -17.68
N LYS D 53 -9.69 -39.63 -16.71
CA LYS D 53 -11.03 -39.03 -16.63
C LYS D 53 -11.03 -38.13 -15.39
N PHE D 54 -10.99 -36.81 -15.55
CA PHE D 54 -11.30 -35.88 -14.44
C PHE D 54 -12.74 -36.12 -14.00
N ILE D 55 -12.92 -36.35 -12.70
CA ILE D 55 -14.28 -36.49 -12.09
C ILE D 55 -14.47 -35.33 -11.13
N PRO D 56 -15.55 -34.53 -11.29
CA PRO D 56 -15.80 -33.43 -10.37
C PRO D 56 -16.14 -34.03 -9.02
N TYR D 57 -15.53 -33.50 -7.95
CA TYR D 57 -15.86 -33.78 -6.55
C TYR D 57 -16.37 -32.47 -5.95
N GLY D 58 -17.58 -32.51 -5.39
CA GLY D 58 -18.27 -31.32 -4.88
C GLY D 58 -19.72 -31.36 -5.34
N ASN D 59 -20.60 -30.73 -4.55
CA ASN D 59 -22.06 -30.60 -4.81
C ASN D 59 -22.33 -29.40 -5.72
N GLY D 60 -21.31 -28.59 -6.05
CA GLY D 60 -21.44 -27.42 -6.93
C GLY D 60 -22.00 -26.20 -6.24
N LYS D 61 -22.53 -26.32 -5.01
CA LYS D 61 -22.99 -25.18 -4.18
C LYS D 61 -21.79 -24.61 -3.40
N GLU D 62 -21.08 -25.45 -2.66
CA GLU D 62 -19.94 -25.07 -1.79
C GLU D 62 -18.69 -25.83 -2.24
N ASN D 63 -17.53 -25.24 -1.98
CA ASN D 63 -16.21 -25.89 -2.14
C ASN D 63 -16.26 -27.18 -1.34
N PRO D 64 -15.76 -28.30 -1.90
CA PRO D 64 -15.75 -29.57 -1.17
C PRO D 64 -14.72 -29.60 -0.03
N SER D 65 -14.86 -30.54 0.92
CA SER D 65 -13.81 -30.89 1.90
C SER D 65 -12.66 -31.56 1.16
N TYR D 66 -11.50 -30.91 1.07
CA TYR D 66 -10.34 -31.42 0.32
C TYR D 66 -9.80 -32.68 1.00
N THR D 67 -9.98 -32.80 2.32
CA THR D 67 -9.52 -33.99 3.08
C THR D 67 -10.36 -35.21 2.66
N HIS D 68 -11.69 -35.08 2.61
CA HIS D 68 -12.61 -36.16 2.16
C HIS D 68 -12.30 -36.52 0.71
N MET D 69 -12.13 -35.51 -0.14
CA MET D 69 -11.78 -35.69 -1.58
C MET D 69 -10.58 -36.63 -1.67
N VAL D 70 -9.52 -36.34 -0.91
CA VAL D 70 -8.26 -37.15 -0.89
C VAL D 70 -8.58 -38.57 -0.41
N GLU D 71 -9.42 -38.71 0.62
CA GLU D 71 -9.77 -40.02 1.24
C GLU D 71 -10.35 -40.95 0.17
N MET D 72 -11.01 -40.41 -0.85
CA MET D 72 -11.64 -41.19 -1.96
C MET D 72 -10.58 -42.01 -2.70
N ILE D 73 -9.31 -41.56 -2.71
CA ILE D 73 -8.16 -42.33 -3.25
C ILE D 73 -8.03 -43.64 -2.46
N THR D 74 -8.05 -43.53 -1.12
CA THR D 74 -7.83 -44.64 -0.17
C THR D 74 -8.99 -45.65 -0.22
N THR D 75 -10.22 -45.18 -0.45
CA THR D 75 -11.44 -46.04 -0.61
C THR D 75 -11.46 -46.62 -2.03
N GLY D 76 -10.47 -46.29 -2.87
CA GLY D 76 -10.32 -46.85 -4.23
C GLY D 76 -11.30 -46.24 -5.23
N ASN D 77 -11.97 -45.13 -4.89
CA ASN D 77 -12.96 -44.43 -5.76
C ASN D 77 -12.22 -43.58 -6.80
N PHE D 78 -11.09 -42.97 -6.43
CA PHE D 78 -10.19 -42.22 -7.35
C PHE D 78 -8.83 -42.91 -7.41
N ASP D 79 -8.24 -42.93 -8.60
CA ASP D 79 -6.85 -43.39 -8.85
C ASP D 79 -5.88 -42.27 -8.51
N GLY D 80 -6.40 -41.05 -8.29
CA GLY D 80 -5.62 -39.87 -7.88
C GLY D 80 -6.51 -38.65 -7.71
N VAL D 81 -5.94 -37.55 -7.19
CA VAL D 81 -6.64 -36.23 -7.10
C VAL D 81 -5.69 -35.13 -7.61
N VAL D 82 -6.21 -34.30 -8.52
CA VAL D 82 -5.53 -33.10 -9.07
C VAL D 82 -6.35 -31.87 -8.68
N GLY D 83 -5.69 -30.87 -8.09
CA GLY D 83 -6.28 -29.58 -7.69
C GLY D 83 -5.32 -28.77 -6.81
N ASP D 84 -5.86 -27.76 -6.12
CA ASP D 84 -5.14 -26.84 -5.19
C ASP D 84 -5.10 -27.49 -3.81
N VAL D 85 -4.41 -28.62 -3.68
CA VAL D 85 -4.48 -29.51 -2.47
C VAL D 85 -3.25 -29.28 -1.59
N ALA D 86 -3.46 -28.77 -0.38
CA ALA D 86 -2.41 -28.57 0.63
C ALA D 86 -1.87 -29.94 1.04
N ILE D 87 -0.55 -30.10 0.98
CA ILE D 87 0.18 -31.30 1.48
C ILE D 87 0.32 -31.15 2.99
N VAL D 88 -0.62 -31.68 3.76
CA VAL D 88 -0.69 -31.53 5.24
C VAL D 88 -0.61 -32.93 5.86
N THR D 89 -0.22 -33.01 7.14
CA THR D 89 0.30 -34.24 7.77
C THR D 89 -0.76 -35.36 7.76
N ASN D 90 -1.99 -35.07 8.18
CA ASN D 90 -3.07 -36.09 8.28
C ASN D 90 -3.43 -36.63 6.89
N ARG D 91 -3.30 -35.80 5.84
CA ARG D 91 -3.52 -36.22 4.42
C ARG D 91 -2.36 -37.11 3.95
N THR D 92 -1.11 -36.71 4.22
CA THR D 92 0.12 -37.45 3.80
C THR D 92 0.13 -38.84 4.47
N LYS D 93 -0.48 -38.97 5.64
CA LYS D 93 -0.58 -40.26 6.39
C LYS D 93 -1.24 -41.33 5.50
N ILE D 94 -2.18 -40.96 4.63
CA ILE D 94 -3.07 -41.92 3.92
C ILE D 94 -2.76 -42.02 2.41
N VAL D 95 -2.12 -41.00 1.82
CA VAL D 95 -1.79 -40.96 0.36
C VAL D 95 -0.36 -40.46 0.16
N ASP D 96 0.08 -40.51 -1.10
CA ASP D 96 1.40 -40.01 -1.56
C ASP D 96 1.20 -38.80 -2.49
N PHE D 97 1.67 -37.64 -2.06
CA PHE D 97 1.66 -36.39 -2.87
C PHE D 97 2.84 -36.41 -3.84
N THR D 98 2.69 -35.67 -4.93
CA THR D 98 3.82 -35.29 -5.81
C THR D 98 4.68 -34.30 -5.05
N GLN D 99 5.75 -33.82 -5.68
CA GLN D 99 6.52 -32.65 -5.23
C GLN D 99 5.56 -31.46 -5.19
N PRO D 100 5.74 -30.48 -4.26
CA PRO D 100 4.92 -29.27 -4.25
C PRO D 100 5.19 -28.44 -5.51
N TYR D 101 4.16 -28.23 -6.33
CA TYR D 101 4.23 -27.45 -7.59
C TYR D 101 3.94 -25.98 -7.27
N ALA D 102 3.48 -25.66 -6.06
CA ALA D 102 3.30 -24.27 -5.57
C ALA D 102 3.50 -24.22 -4.05
N ALA D 103 4.26 -23.25 -3.54
CA ALA D 103 4.34 -22.92 -2.10
C ALA D 103 3.09 -22.13 -1.70
N SER D 104 2.56 -22.43 -0.52
CA SER D 104 1.40 -21.76 0.11
C SER D 104 1.70 -21.60 1.61
N GLY D 105 0.71 -21.21 2.43
CA GLY D 105 0.91 -21.04 3.88
C GLY D 105 -0.13 -20.11 4.48
N LEU D 106 -0.64 -20.42 5.66
CA LEU D 106 -1.74 -19.68 6.33
C LEU D 106 -1.25 -18.29 6.71
N VAL D 107 -2.14 -17.31 6.59
CA VAL D 107 -1.93 -15.89 6.98
C VAL D 107 -3.23 -15.37 7.59
N VAL D 108 -3.14 -14.28 8.34
CA VAL D 108 -4.30 -13.53 8.86
C VAL D 108 -4.54 -12.32 7.97
N VAL D 109 -5.76 -12.15 7.46
CA VAL D 109 -6.19 -10.95 6.70
C VAL D 109 -7.24 -10.22 7.56
N ALA D 110 -7.06 -8.91 7.74
CA ALA D 110 -7.88 -8.09 8.64
C ALA D 110 -8.00 -6.68 8.07
N PRO D 111 -8.95 -5.86 8.57
CA PRO D 111 -9.03 -4.45 8.19
C PRO D 111 -7.74 -3.71 8.61
N GLY D 112 -7.40 -2.66 7.89
CA GLY D 112 -6.15 -1.89 8.01
C GLY D 112 -5.62 -1.70 9.44
N GLY D 113 -6.42 -1.08 10.32
CA GLY D 113 -5.90 -0.49 11.57
C GLY D 113 -6.37 -1.20 12.83
N THR D 114 -6.76 -2.48 12.74
CA THR D 114 -7.45 -3.20 13.86
C THR D 114 -6.46 -3.57 14.94
N PRO D 115 -6.96 -3.96 16.13
CA PRO D 115 -6.13 -4.55 17.18
C PRO D 115 -5.55 -5.92 16.80
N ILE D 116 -6.04 -6.56 15.75
CA ILE D 116 -5.50 -7.86 15.26
C ILE D 116 -4.24 -7.55 14.43
N LYS D 117 -3.09 -8.02 14.90
CA LYS D 117 -1.75 -7.67 14.36
C LYS D 117 -1.06 -8.93 13.83
N GLY D 118 -1.47 -10.12 14.30
CA GLY D 118 -0.99 -11.42 13.77
C GLY D 118 -1.84 -12.57 14.28
N ILE D 119 -1.47 -13.80 13.93
CA ILE D 119 -2.18 -15.04 14.42
C ILE D 119 -2.18 -15.02 15.94
N GLU D 120 -1.06 -14.60 16.54
CA GLU D 120 -0.79 -14.63 18.01
C GLU D 120 -1.85 -13.79 18.73
N SER D 121 -2.10 -12.56 18.27
CA SER D 121 -3.02 -11.58 18.94
C SER D 121 -4.47 -12.02 18.71
N LEU D 122 -4.72 -12.74 17.61
CA LEU D 122 -6.05 -13.30 17.27
C LEU D 122 -6.38 -14.48 18.18
N ARG D 123 -5.39 -15.31 18.53
CA ARG D 123 -5.56 -16.50 19.42
C ARG D 123 -6.07 -16.06 20.79
N GLU D 124 -5.44 -15.04 21.37
CA GLU D 124 -5.64 -14.67 22.80
C GLU D 124 -6.89 -13.80 22.93
N ARG D 125 -7.40 -13.26 21.82
CA ARG D 125 -8.65 -12.46 21.77
C ARG D 125 -9.85 -13.42 21.83
N ASP D 126 -11.07 -12.88 21.80
CA ASP D 126 -12.37 -13.59 21.94
C ASP D 126 -13.17 -13.58 20.63
N ASP D 127 -12.72 -12.82 19.62
CA ASP D 127 -13.53 -12.42 18.44
C ASP D 127 -13.63 -13.57 17.43
N PRO D 128 -14.68 -13.60 16.58
CA PRO D 128 -14.83 -14.65 15.57
C PRO D 128 -13.77 -14.60 14.45
N ILE D 129 -13.44 -15.75 13.87
CA ILE D 129 -12.42 -15.91 12.79
C ILE D 129 -13.11 -16.52 11.57
N GLY D 130 -12.90 -15.94 10.40
CA GLY D 130 -13.31 -16.53 9.11
C GLY D 130 -12.31 -17.57 8.66
N TYR D 131 -12.78 -18.61 7.97
CA TYR D 131 -11.95 -19.57 7.23
C TYR D 131 -12.70 -20.02 5.98
N GLN D 132 -12.00 -20.52 4.97
CA GLN D 132 -12.59 -20.96 3.69
C GLN D 132 -13.30 -22.30 3.88
N VAL D 133 -14.51 -22.42 3.33
CA VAL D 133 -15.34 -23.65 3.43
C VAL D 133 -14.61 -24.77 2.69
N GLY D 134 -14.31 -25.87 3.41
CA GLY D 134 -13.65 -27.07 2.88
C GLY D 134 -12.14 -27.02 3.04
N SER D 135 -11.59 -25.99 3.70
CA SER D 135 -10.13 -25.83 3.92
C SER D 135 -9.74 -26.60 5.18
N PHE D 136 -8.54 -27.19 5.17
CA PHE D 136 -7.91 -27.87 6.34
C PHE D 136 -7.71 -26.84 7.46
N ALA D 137 -7.66 -25.56 7.10
CA ALA D 137 -7.59 -24.41 8.03
C ALA D 137 -8.42 -24.71 9.28
N GLU D 138 -9.69 -25.08 9.12
CA GLU D 138 -10.62 -25.33 10.25
C GLU D 138 -9.99 -26.32 11.24
N SER D 139 -9.47 -27.45 10.73
CA SER D 139 -8.83 -28.52 11.54
C SER D 139 -7.63 -27.98 12.31
N TYR D 140 -6.75 -27.25 11.63
CA TYR D 140 -5.53 -26.63 12.20
C TYR D 140 -5.93 -25.72 13.37
N LEU D 141 -6.96 -24.88 13.19
CA LEU D 141 -7.37 -23.85 14.18
C LEU D 141 -7.85 -24.52 15.47
N ARG D 142 -8.44 -25.73 15.37
CA ARG D 142 -9.09 -26.45 16.51
C ARG D 142 -8.10 -27.36 17.22
N ASN D 143 -7.14 -27.94 16.49
CA ASN D 143 -6.30 -29.05 17.00
C ASN D 143 -4.92 -28.53 17.43
N GLU D 144 -4.28 -27.70 16.60
CA GLU D 144 -2.91 -27.18 16.88
C GLU D 144 -3.03 -25.93 17.76
N LEU D 145 -3.95 -25.02 17.44
CA LEU D 145 -4.12 -23.71 18.13
C LEU D 145 -5.27 -23.78 19.14
N ASN D 146 -6.07 -24.83 19.05
CA ASN D 146 -7.11 -25.19 20.06
C ASN D 146 -8.08 -24.02 20.25
N ILE D 147 -8.41 -23.30 19.19
CA ILE D 147 -9.42 -22.19 19.20
C ILE D 147 -10.80 -22.85 19.32
N SER D 148 -11.67 -22.24 20.13
CA SER D 148 -13.05 -22.69 20.40
C SER D 148 -13.85 -22.76 19.10
N GLU D 149 -14.61 -23.84 18.91
CA GLU D 149 -15.41 -24.11 17.67
C GLU D 149 -16.45 -22.99 17.49
N SER D 150 -16.87 -22.38 18.60
CA SER D 150 -17.91 -21.32 18.63
C SER D 150 -17.38 -20.03 17.99
N ARG D 151 -16.08 -19.94 17.73
CA ARG D 151 -15.44 -18.72 17.17
C ARG D 151 -15.24 -18.86 15.66
N LEU D 152 -15.08 -20.09 15.15
CA LEU D 152 -14.71 -20.29 13.72
C LEU D 152 -15.97 -20.14 12.87
N VAL D 153 -15.90 -19.36 11.80
CA VAL D 153 -17.02 -19.04 10.87
C VAL D 153 -16.62 -19.44 9.45
N PRO D 154 -17.32 -20.41 8.81
CA PRO D 154 -17.05 -20.78 7.42
C PRO D 154 -17.47 -19.62 6.48
N LEU D 155 -16.74 -19.46 5.37
CA LEU D 155 -16.98 -18.42 4.32
C LEU D 155 -16.63 -18.99 2.95
N GLY D 156 -17.56 -19.01 2.00
CA GLY D 156 -17.47 -19.80 0.76
C GLY D 156 -16.72 -19.09 -0.35
N THR D 157 -16.90 -17.78 -0.46
CA THR D 157 -16.50 -16.93 -1.61
C THR D 157 -15.74 -15.71 -1.12
N PRO D 158 -15.02 -14.98 -2.00
CA PRO D 158 -14.39 -13.73 -1.61
C PRO D 158 -15.41 -12.63 -1.25
N GLU D 159 -16.58 -12.62 -1.91
CA GLU D 159 -17.72 -11.74 -1.54
C GLU D 159 -18.06 -11.99 -0.07
N ALA D 160 -18.22 -13.27 0.31
CA ALA D 160 -18.46 -13.72 1.69
C ALA D 160 -17.36 -13.18 2.62
N TYR D 161 -16.10 -13.28 2.17
CA TYR D 161 -14.92 -12.78 2.91
C TYR D 161 -15.15 -11.30 3.23
N ALA D 162 -15.33 -10.49 2.19
CA ALA D 162 -15.37 -9.02 2.25
C ALA D 162 -16.54 -8.55 3.12
N LYS D 163 -17.65 -9.27 3.12
CA LYS D 163 -18.85 -8.89 3.91
C LYS D 163 -18.54 -9.08 5.39
N ALA D 164 -18.11 -10.28 5.77
CA ALA D 164 -17.82 -10.67 7.16
C ALA D 164 -16.75 -9.76 7.76
N LEU D 165 -15.87 -9.21 6.93
CA LEU D 165 -14.78 -8.29 7.38
C LEU D 165 -15.33 -6.87 7.56
N LYS D 166 -16.18 -6.43 6.63
CA LYS D 166 -16.90 -5.14 6.70
C LYS D 166 -17.80 -5.15 7.94
N ASP D 167 -18.69 -6.13 8.05
CA ASP D 167 -19.62 -6.29 9.19
C ASP D 167 -18.83 -6.34 10.50
N GLY D 168 -17.81 -7.17 10.55
CA GLY D 168 -16.89 -7.20 11.70
C GLY D 168 -17.49 -7.97 12.86
N PRO D 169 -16.84 -7.93 14.05
CA PRO D 169 -17.11 -8.92 15.10
C PRO D 169 -18.54 -8.89 15.64
N SER D 170 -19.08 -7.69 15.90
CA SER D 170 -20.56 -7.49 16.08
C SER D 170 -21.20 -7.66 14.69
N LYS D 171 -22.52 -7.57 14.58
CA LYS D 171 -23.24 -7.67 13.27
C LYS D 171 -22.87 -8.96 12.53
N GLY D 172 -22.65 -10.06 13.27
CA GLY D 172 -22.49 -11.42 12.73
C GLY D 172 -21.38 -11.53 11.71
N GLY D 173 -20.32 -10.73 11.85
CA GLY D 173 -19.12 -10.83 11.00
C GLY D 173 -17.95 -11.45 11.73
N VAL D 174 -16.75 -11.38 11.15
CA VAL D 174 -15.48 -11.88 11.74
C VAL D 174 -14.53 -10.69 11.93
N ALA D 175 -13.61 -10.82 12.89
CA ALA D 175 -12.58 -9.80 13.21
C ALA D 175 -11.40 -9.94 12.26
N ALA D 176 -11.18 -11.16 11.74
CA ALA D 176 -10.14 -11.48 10.73
C ALA D 176 -10.52 -12.78 10.01
N ILE D 177 -9.80 -13.09 8.94
CA ILE D 177 -9.88 -14.38 8.20
C ILE D 177 -8.50 -15.05 8.24
N VAL D 178 -8.47 -16.37 8.45
CA VAL D 178 -7.25 -17.21 8.28
C VAL D 178 -7.43 -18.03 7.00
N ASP D 179 -6.48 -17.93 6.08
CA ASP D 179 -6.54 -18.67 4.80
C ASP D 179 -5.17 -18.70 4.15
N GLU D 180 -4.95 -19.70 3.30
CA GLU D 180 -3.69 -19.86 2.52
C GLU D 180 -3.49 -18.64 1.64
N ARG D 181 -2.23 -18.24 1.47
CA ARG D 181 -1.85 -16.94 0.86
C ARG D 181 -2.41 -16.81 -0.56
N PRO D 182 -2.24 -17.81 -1.45
CA PRO D 182 -2.69 -17.68 -2.84
C PRO D 182 -4.12 -17.13 -2.94
N TYR D 183 -5.08 -17.74 -2.23
CA TYR D 183 -6.50 -17.31 -2.20
C TYR D 183 -6.55 -15.88 -1.66
N VAL D 184 -5.84 -15.61 -0.57
CA VAL D 184 -5.79 -14.28 0.09
C VAL D 184 -5.30 -13.23 -0.92
N GLU D 185 -4.22 -13.55 -1.62
CA GLU D 185 -3.60 -12.63 -2.63
C GLU D 185 -4.65 -12.25 -3.67
N LEU D 186 -5.37 -13.24 -4.22
CA LEU D 186 -6.46 -12.99 -5.20
C LEU D 186 -7.52 -12.08 -4.55
N PHE D 187 -7.99 -12.42 -3.35
CA PHE D 187 -9.04 -11.67 -2.62
C PHE D 187 -8.64 -10.20 -2.53
N LEU D 188 -7.38 -9.92 -2.22
CA LEU D 188 -6.89 -8.54 -1.99
C LEU D 188 -6.79 -7.77 -3.32
N SER D 189 -6.53 -8.46 -4.43
CA SER D 189 -6.56 -7.87 -5.79
C SER D 189 -7.85 -7.07 -5.96
N SER D 190 -8.97 -7.63 -5.53
CA SER D 190 -10.32 -7.07 -5.76
C SER D 190 -10.83 -6.31 -4.53
N ASN D 191 -10.08 -6.34 -3.42
CA ASN D 191 -10.48 -5.71 -2.14
C ASN D 191 -9.24 -5.13 -1.46
N CYS D 192 -8.78 -3.97 -1.95
CA CYS D 192 -7.55 -3.28 -1.49
C CYS D 192 -7.67 -2.79 -0.05
N ALA D 193 -8.90 -2.62 0.47
CA ALA D 193 -9.16 -2.05 1.82
C ALA D 193 -8.53 -2.89 2.94
N TYR D 194 -8.24 -4.16 2.68
CA TYR D 194 -7.72 -5.13 3.67
C TYR D 194 -6.26 -5.44 3.37
N ARG D 195 -5.59 -6.11 4.32
CA ARG D 195 -4.14 -6.43 4.25
C ARG D 195 -3.83 -7.66 5.10
N ILE D 196 -2.74 -8.36 4.76
CA ILE D 196 -2.19 -9.50 5.54
C ILE D 196 -1.41 -8.94 6.73
N VAL D 197 -1.99 -9.06 7.93
CA VAL D 197 -1.33 -8.69 9.22
C VAL D 197 -0.45 -9.85 9.68
N GLY D 198 0.69 -9.54 10.30
CA GLY D 198 1.69 -10.53 10.74
C GLY D 198 2.33 -11.22 9.54
N GLN D 199 3.00 -12.34 9.79
CA GLN D 199 3.69 -13.13 8.74
C GLN D 199 2.93 -14.44 8.45
N GLU D 200 3.34 -15.15 7.40
CA GLU D 200 2.97 -16.55 7.14
C GLU D 200 3.30 -17.37 8.39
N PHE D 201 2.43 -18.26 8.83
CA PHE D 201 2.66 -19.10 10.03
C PHE D 201 2.40 -20.59 9.76
N THR D 202 2.27 -21.02 8.51
CA THR D 202 2.45 -22.43 8.06
C THR D 202 3.25 -22.40 6.75
N LYS D 203 3.89 -23.50 6.36
CA LYS D 203 4.61 -23.59 5.06
C LYS D 203 4.01 -24.70 4.21
N SER D 204 2.79 -25.12 4.51
CA SER D 204 1.99 -26.11 3.73
C SER D 204 1.96 -25.71 2.25
N GLY D 205 2.58 -26.51 1.38
CA GLY D 205 2.59 -26.33 -0.10
C GLY D 205 1.53 -27.18 -0.78
N TRP D 206 1.27 -26.98 -2.08
CA TRP D 206 0.27 -27.72 -2.90
C TRP D 206 0.97 -28.83 -3.67
N GLY D 207 0.27 -29.96 -3.83
CA GLY D 207 0.73 -31.14 -4.60
C GLY D 207 -0.45 -31.92 -5.16
N PHE D 208 -0.19 -32.89 -6.03
CA PHE D 208 -1.19 -33.84 -6.57
C PHE D 208 -1.11 -35.13 -5.75
N ALA D 209 -2.26 -35.62 -5.29
CA ALA D 209 -2.40 -36.78 -4.39
C ALA D 209 -2.54 -38.06 -5.20
N PHE D 210 -1.91 -39.13 -4.75
CA PHE D 210 -1.90 -40.47 -5.41
C PHE D 210 -1.82 -41.59 -4.37
N PRO D 211 -2.30 -42.81 -4.71
CA PRO D 211 -2.24 -43.92 -3.76
C PRO D 211 -0.80 -44.13 -3.29
N ARG D 212 -0.64 -44.60 -2.04
CA ARG D 212 0.69 -44.86 -1.42
C ARG D 212 1.55 -45.67 -2.40
N ASP D 213 2.77 -45.20 -2.71
CA ASP D 213 3.81 -45.89 -3.48
C ASP D 213 3.44 -45.93 -4.97
N SER D 214 2.82 -44.89 -5.49
CA SER D 214 2.34 -44.80 -6.90
C SER D 214 3.50 -44.43 -7.82
N PRO D 215 3.93 -45.30 -8.77
CA PRO D 215 5.03 -44.95 -9.66
C PRO D 215 4.75 -43.67 -10.43
N LEU D 216 3.47 -43.41 -10.70
CA LEU D 216 2.99 -42.15 -11.36
C LEU D 216 3.45 -40.95 -10.52
N ALA D 217 3.23 -41.00 -9.21
CA ALA D 217 3.54 -39.92 -8.25
C ALA D 217 5.03 -39.52 -8.36
N ILE D 218 5.93 -40.50 -8.48
CA ILE D 218 7.42 -40.29 -8.51
C ILE D 218 7.76 -39.70 -9.90
N ASP D 219 7.22 -40.28 -10.97
CA ASP D 219 7.51 -39.86 -12.36
C ASP D 219 7.04 -38.41 -12.56
N LEU D 220 5.94 -38.01 -11.91
CA LEU D 220 5.38 -36.63 -11.99
C LEU D 220 6.24 -35.67 -11.16
N SER D 221 6.67 -36.08 -9.98
CA SER D 221 7.59 -35.30 -9.11
C SER D 221 8.79 -34.83 -9.96
N THR D 222 9.36 -35.71 -10.79
CA THR D 222 10.49 -35.39 -11.70
C THR D 222 10.00 -34.44 -12.79
N ALA D 223 8.83 -34.70 -13.37
CA ALA D 223 8.17 -33.84 -14.36
C ALA D 223 8.06 -32.40 -13.80
N ILE D 224 7.45 -32.24 -12.62
CA ILE D 224 7.23 -30.91 -11.97
C ILE D 224 8.58 -30.19 -11.81
N LEU D 225 9.63 -30.94 -11.49
CA LEU D 225 10.99 -30.39 -11.32
C LEU D 225 11.49 -29.86 -12.67
N GLU D 226 11.36 -30.64 -13.74
CA GLU D 226 11.76 -30.22 -15.12
C GLU D 226 11.05 -28.90 -15.49
N LEU D 227 9.76 -28.78 -15.17
CA LEU D 227 8.93 -27.58 -15.40
C LEU D 227 9.47 -26.39 -14.61
N ALA D 228 9.98 -26.63 -13.40
CA ALA D 228 10.58 -25.60 -12.54
C ALA D 228 11.89 -25.14 -13.17
N GLU D 229 12.76 -26.09 -13.56
CA GLU D 229 14.09 -25.83 -14.19
C GLU D 229 13.88 -24.99 -15.46
N ASN D 230 12.96 -25.37 -16.33
CA ASN D 230 12.65 -24.69 -17.63
C ASN D 230 11.84 -23.42 -17.43
N GLY D 231 11.52 -23.03 -16.18
CA GLY D 231 10.80 -21.79 -15.82
C GLY D 231 9.34 -21.80 -16.26
N ASP D 232 8.81 -22.95 -16.67
CA ASP D 232 7.43 -23.13 -17.19
C ASP D 232 6.42 -23.07 -16.05
N LEU D 233 6.80 -23.47 -14.85
CA LEU D 233 5.95 -23.34 -13.64
C LEU D 233 5.64 -21.86 -13.42
N GLN D 234 6.67 -20.98 -13.46
CA GLN D 234 6.48 -19.53 -13.21
C GLN D 234 5.76 -18.92 -14.42
N ARG D 235 5.89 -19.55 -15.57
CA ARG D 235 5.21 -19.11 -16.82
C ARG D 235 3.70 -19.34 -16.70
N ILE D 236 3.30 -20.56 -16.34
CA ILE D 236 1.87 -20.95 -16.13
C ILE D 236 1.31 -20.11 -14.96
N HIS D 237 2.08 -19.94 -13.88
CA HIS D 237 1.69 -19.07 -12.75
C HIS D 237 1.30 -17.69 -13.34
N ASP D 238 2.23 -17.08 -14.06
CA ASP D 238 2.11 -15.71 -14.63
C ASP D 238 0.84 -15.64 -15.49
N LYS D 239 0.48 -16.74 -16.18
CA LYS D 239 -0.63 -16.80 -17.15
C LYS D 239 -1.99 -16.77 -16.46
N TRP D 240 -2.08 -17.25 -15.22
CA TRP D 240 -3.37 -17.42 -14.49
C TRP D 240 -3.53 -16.38 -13.38
N LEU D 241 -2.43 -15.90 -12.80
CA LEU D 241 -2.47 -15.09 -11.56
C LEU D 241 -1.86 -13.71 -11.81
N MET D 242 -2.71 -12.69 -11.81
CA MET D 242 -2.38 -11.28 -12.13
C MET D 242 -3.34 -10.35 -11.36
N MET E . 20.20 7.50 4.82
CA MET E . 19.16 8.55 4.66
C MET E . 18.79 9.03 6.05
O MET E . 18.31 10.14 6.31
CB MET E . 17.92 7.97 3.98
CG MET E . 16.83 8.97 3.69
SD MET E . 16.24 8.86 1.99
CE MET E . 14.51 9.25 2.26
OXT MET E . 19.03 8.18 6.90
NA NA F . 19.92 -13.49 24.72
N MET G . -1.77 3.00 -22.90
CA MET G . -2.02 2.50 -21.53
C MET G . -0.68 2.26 -20.79
O MET G . -0.59 2.43 -19.57
CB MET G . -2.80 1.19 -21.61
CG MET G . -3.32 0.68 -20.29
SD MET G . -5.09 0.90 -20.13
CE MET G . -5.50 -0.70 -19.45
OXT MET G . 0.36 1.89 -21.36
N MET H . -13.43 18.89 22.20
CA MET H . -14.67 19.19 21.47
C MET H . -15.88 18.76 22.31
O MET H . -16.86 19.52 22.36
CB MET H . -14.66 18.46 20.12
CG MET H . -15.60 19.06 19.10
SD MET H . -14.76 19.63 17.61
CE MET H . -16.07 19.34 16.43
OXT MET H . -15.89 17.70 22.96
N MET I . -5.74 -26.08 -0.46
CA MET I . -6.98 -26.03 0.36
C MET I . -6.98 -27.25 1.30
O MET I . -7.53 -27.21 2.39
CB MET I . -8.21 -26.02 -0.54
CG MET I . -9.50 -25.88 0.21
SD MET I . -10.28 -24.28 0.00
CE MET I . -11.98 -24.85 -0.13
OXT MET I . -6.43 -28.29 1.05
S SO4 J . -11.93 -32.36 7.87
O1 SO4 J . -12.47 -31.21 8.55
O2 SO4 J . -10.49 -32.36 7.97
O3 SO4 J . -12.33 -32.32 6.49
O4 SO4 J . -12.45 -33.57 8.47
#